data_5HQ2
#
_entry.id   5HQ2
#
_cell.length_a   100.729
_cell.length_b   300.752
_cell.length_c   182.090
_cell.angle_alpha   90.00
_cell.angle_beta   90.00
_cell.angle_gamma   90.00
#
_symmetry.space_group_name_H-M   'C 2 2 21'
#
loop_
_entity.id
_entity.type
_entity.pdbx_description
1 polymer 'Histone H3.2'
2 polymer 'Histone H4'
3 polymer 'Histone H2A'
4 polymer 'Histone H2B 1.1'
5 polymer 'DNA (149-MER)'
6 polymer 'DNA (149-MER)'
7 polymer 'Guanine nucleotide exchange factor SRM1'
8 polymer 'N-lysine methyltransferase SETD8'
#
loop_
_entity_poly.entity_id
_entity_poly.type
_entity_poly.pdbx_seq_one_letter_code
_entity_poly.pdbx_strand_id
1 'polypeptide(L)'
;ARTKQTARKSTGGKAPRKQLATKAARKSAPATGGVKKPHRYRPGTVALREIRRYQKSTELLIRKLPFQRLVREIAQDFKT
DLRFQSSAVMALQEASEAYLVALFEDTNLCAIHAKRVTIMPKDIQLARRIRGERA
;
A
2 'polypeptide(L)'
;SGRGKGGKGLGKGGAKRHRKVLRDNIQGITKPAIRRLARRGGVKRISGLIYEETRGVLKVFLENVIRDAVTYTEHAKRKT
VTAMDVVYALKRQGRTLYGFGG
;
B
3 'polypeptide(L)'
;SGRGKQGGKTRAKAKTRSSRAGLQFPVGRVHRLLRKGNYAERVGAGAPVYLAAVLEYLTAEILELAGNAARDNKKTRIIP
RHLQLAVRNDEELNKLLGRVTIAQGGVLPNIQSVLLPKKTESSKSAKSK
;
G
4 'polypeptide(L)'
;AKSAPAPKKGSKKAVTKTQKKDGKKRRKTRKESYAIYVYKVLKQVHPDTGISSKAMSIMNSFVNDVFERIAGEASRLAHY
NKRSTITSREIQTAVRLLLPGELAKHAVSEGTKAVTKYTSAK
;
H
5 'polydeoxyribonucleotide'
;(DA)(DT)(DC)(DG)(DG)(DA)(DG)(DA)(DA)(DT)(DC)(DC)(DC)(DG)(DG)(DT)(DG)(DC)(DC)(DG)
(DA)(DG)(DG)(DC)(DC)(DG)(DC)(DT)(DC)(DA)(DA)(DT)(DT)(DG)(DG)(DT)(DC)(DG)(DT)(DA)
(DG)(DA)(DC)(DA)(DG)(DC)(DT)(DC)(DT)(DA)(DG)(DC)(DA)(DC)(DC)(DG)(DC)(DT)(DT)(DA)
(DA)(DA)(DC)(DG)(DC)(DA)(DC)(DG)(DT)(DA)(DC)(DG)(DC)(DG)(DC)(DT)(DG)(DT)(DC)(DC)
(DC)(DC)(DC)(DG)(DC)(DG)(DT)(DT)(DT)(DT)(DA)(DA)(DC)(DC)(DG)(DC)(DC)(DA)(DA)(DG)
(DG)(DG)(DG)(DA)(DT)(DT)(DA)(DC)(DT)(DC)(DC)(DC)(DT)(DA)(DG)(DT)(DC)(DT)(DC)(DC)
(DA)(DG)(DG)(DC)(DA)(DC)(DG)(DT)(DG)(DT)(DC)(DA)(DG)(DA)(DT)(DA)(DT)(DA)(DT)(DA)
(DC)(DA)(DT)(DC)(DC)(DT)(DG)(DA)(DT)
;
I
6 'polydeoxyribonucleotide'
;(DA)(DT)(DC)(DA)(DG)(DG)(DA)(DT)(DG)(DT)(DA)(DT)(DA)(DT)(DA)(DT)(DC)(DT)(DG)(DA)
(DC)(DA)(DC)(DG)(DT)(DG)(DC)(DC)(DT)(DG)(DG)(DA)(DG)(DA)(DC)(DT)(DA)(DG)(DG)(DG)
(DA)(DG)(DT)(DA)(DA)(DT)(DC)(DC)(DC)(DC)(DT)(DT)(DG)(DG)(DC)(DG)(DG)(DT)(DT)(DA)
(DA)(DA)(DA)(DC)(DG)(DC)(DG)(DG)(DG)(DG)(DG)(DA)(DC)(DA)(DG)(DC)(DG)(DC)(DG)(DT)
(DA)(DC)(DG)(DT)(DG)(DC)(DG)(DT)(DT)(DT)(DA)(DA)(DG)(DC)(DG)(DG)(DT)(DG)(DC)(DT)
(DA)(DG)(DA)(DG)(DC)(DT)(DG)(DT)(DC)(DT)(DA)(DC)(DG)(DA)(DC)(DC)(DA)(DA)(DT)(DT)
(DG)(DA)(DG)(DC)(DG)(DG)(DC)(DC)(DT)(DC)(DG)(DG)(DC)(DA)(DC)(DC)(DG)(DG)(DG)(DA)
(DT)(DT)(DC)(DT)(DC)(DC)(DG)(DA)(DT)
;
J
7 'polypeptide(L)'
;GSVKRTVATNGDASGAHRAKKMSKTHASHIINAQEDYKHMYLSVQPLDIFCWGTGSMCELGLGPLAKNKEVKRPRLNPFL
PRDEAKIISFAVGGMHTLALDEESNVWSWGCNDVGALGRDTSNAKEQLKDMDADDSSDDEDGDLNELESTPAKIPRESFP
PLAEGHKVVQLAATDNMSCALFSNGEVYAWGTFRCNEGILGFYQDKIKIQKTPWKVPTFSKYNIVQLAPGKDHILFLDEE
GMVFAWGNGQQNQLGRKVMERFRLKTLDPRPFGLRHVKYIASGENHCFALTKDNKLVSWGLNQFGQCGVSEDVEDGALVT
KPKRLALPDNVVIRSIAAGEHHSLILSQDGDLYSCGRLDMFEVGIPKDNLPEYTYKDVHGKARAVPLPTKLNNVPKFKSV
AAGSHHSVAVAQNGIAYSWGFGETYAVGLGPFEDDTEVPTRIKNTATQDHNIILVGCGGQFSVSGGVKLSDEDAEKRADE
MDD
;
K
8 'polypeptide(L)'
;GSAKQALKKPIKGKQAPRKKAQGKTQQNRKLTDFYPVRRSSRKSKAELQSEERKRIDELIESGKEEGMKIDLIDGKGRGV
IATKQFSRGDFVVEYHGDLIEITDAKKREALYAQDPSTGCYMYYFQYLSKTYCVDATRETNRLGRLINHSKCGNCQTKLH
DIDGVPHLILIASRDIAAGEELLYDYGDRSKASIEAFPWLKH
;
M
#
loop_
_chem_comp.id
_chem_comp.type
_chem_comp.name
_chem_comp.formula
DA DNA linking 2'-DEOXYADENOSINE-5'-MONOPHOSPHATE 'C10 H14 N5 O6 P'
DC DNA linking 2'-DEOXYCYTIDINE-5'-MONOPHOSPHATE 'C9 H14 N3 O7 P'
DG DNA linking 2'-DEOXYGUANOSINE-5'-MONOPHOSPHATE 'C10 H14 N5 O7 P'
DT DNA linking THYMIDINE-5'-MONOPHOSPHATE 'C10 H15 N2 O8 P'
#
# COMPACT_ATOMS: atom_id res chain seq x y z
N LYS A 37 -44.40 -12.14 -27.83
CA LYS A 37 -43.18 -11.43 -27.34
C LYS A 37 -42.18 -12.41 -26.71
N PRO A 38 -41.30 -13.01 -27.54
CA PRO A 38 -40.17 -13.78 -27.01
C PRO A 38 -39.15 -12.89 -26.26
N HIS A 39 -38.12 -13.52 -25.68
CA HIS A 39 -37.12 -12.80 -24.87
C HIS A 39 -36.25 -11.85 -25.71
N ARG A 40 -36.03 -10.65 -25.19
CA ARG A 40 -35.30 -9.61 -25.93
C ARG A 40 -34.68 -8.59 -24.98
N TYR A 41 -33.62 -7.95 -25.46
CA TYR A 41 -32.93 -6.88 -24.73
C TYR A 41 -33.06 -5.59 -25.54
N ARG A 42 -33.57 -4.53 -24.89
CA ARG A 42 -33.77 -3.20 -25.50
C ARG A 42 -32.48 -2.65 -26.10
N PRO A 43 -32.57 -2.08 -27.30
CA PRO A 43 -31.50 -1.61 -28.16
C PRO A 43 -30.48 -0.76 -27.43
N GLY A 44 -29.29 -1.31 -27.24
CA GLY A 44 -28.19 -0.60 -26.59
C GLY A 44 -27.54 -1.43 -25.50
N THR A 45 -28.36 -2.02 -24.63
CA THR A 45 -27.89 -2.88 -23.54
C THR A 45 -26.90 -3.96 -24.03
N VAL A 46 -27.22 -4.56 -25.17
CA VAL A 46 -26.40 -5.64 -25.73
C VAL A 46 -25.01 -5.16 -26.04
N ALA A 47 -24.90 -4.16 -26.91
CA ALA A 47 -23.60 -3.62 -27.30
C ALA A 47 -22.90 -2.89 -26.14
N LEU A 48 -23.69 -2.38 -25.17
CA LEU A 48 -23.15 -1.82 -23.92
C LEU A 48 -22.34 -2.89 -23.20
N ARG A 49 -22.89 -4.11 -23.17
CA ARG A 49 -22.16 -5.29 -22.69
C ARG A 49 -20.98 -5.58 -23.61
N GLU A 50 -21.18 -5.50 -24.92
CA GLU A 50 -20.08 -5.57 -25.90
C GLU A 50 -18.88 -4.74 -25.42
N ILE A 51 -19.16 -3.55 -24.87
CA ILE A 51 -18.15 -2.76 -24.18
C ILE A 51 -17.59 -3.52 -22.99
N ARG A 52 -18.46 -3.89 -22.06
CA ARG A 52 -18.05 -4.70 -20.91
C ARG A 52 -17.14 -5.85 -21.38
N ARG A 53 -17.59 -6.57 -22.40
CA ARG A 53 -16.91 -7.76 -22.91
C ARG A 53 -15.61 -7.42 -23.64
N TYR A 54 -15.72 -6.67 -24.74
CA TYR A 54 -14.55 -6.29 -25.53
C TYR A 54 -13.54 -5.42 -24.73
N GLN A 55 -14.03 -4.62 -23.77
CA GLN A 55 -13.17 -3.85 -22.85
C GLN A 55 -12.47 -4.74 -21.82
N LYS A 56 -12.92 -5.99 -21.67
CA LYS A 56 -12.30 -6.96 -20.77
C LYS A 56 -11.13 -7.72 -21.40
N SER A 57 -11.30 -8.20 -22.63
CA SER A 57 -10.36 -9.17 -23.24
C SER A 57 -9.05 -8.58 -23.76
N THR A 58 -7.98 -9.39 -23.66
CA THR A 58 -6.70 -9.12 -24.33
C THR A 58 -6.60 -9.90 -25.67
N GLU A 59 -7.76 -10.18 -26.28
CA GLU A 59 -7.93 -11.03 -27.46
C GLU A 59 -7.96 -10.19 -28.74
N LEU A 60 -6.88 -10.23 -29.55
CA LEU A 60 -6.77 -9.45 -30.82
C LEU A 60 -8.04 -9.65 -31.66
N LEU A 61 -8.86 -8.59 -31.77
CA LEU A 61 -10.26 -8.71 -32.19
C LEU A 61 -10.54 -8.79 -33.71
N ILE A 62 -9.49 -8.80 -34.56
CA ILE A 62 -9.60 -8.98 -36.04
C ILE A 62 -8.72 -10.12 -36.58
N ARG A 63 -9.37 -11.12 -37.20
CA ARG A 63 -8.78 -12.39 -37.70
C ARG A 63 -7.37 -12.35 -38.30
N LYS A 64 -6.54 -13.31 -37.90
CA LYS A 64 -5.12 -13.33 -38.27
C LYS A 64 -4.91 -13.54 -39.77
N LEU A 65 -5.46 -14.65 -40.29
CA LEU A 65 -5.31 -15.04 -41.69
C LEU A 65 -5.71 -13.89 -42.60
N PRO A 66 -6.78 -13.20 -42.23
CA PRO A 66 -7.28 -12.03 -42.92
C PRO A 66 -6.21 -10.91 -43.01
N PHE A 67 -5.57 -10.59 -41.88
CA PHE A 67 -4.57 -9.51 -41.84
C PHE A 67 -3.32 -9.87 -42.65
N GLN A 68 -2.88 -11.12 -42.55
CA GLN A 68 -1.73 -11.63 -43.32
C GLN A 68 -1.91 -11.31 -44.81
N ARG A 69 -3.16 -11.38 -45.28
CA ARG A 69 -3.51 -10.88 -46.60
C ARG A 69 -3.18 -9.39 -46.65
N LEU A 70 -3.85 -8.58 -45.83
CA LEU A 70 -3.63 -7.12 -45.83
C LEU A 70 -2.17 -6.79 -45.58
N VAL A 71 -1.53 -7.63 -44.78
CA VAL A 71 -0.12 -7.50 -44.44
C VAL A 71 0.74 -7.67 -45.67
N ARG A 72 0.51 -8.78 -46.36
CA ARG A 72 1.25 -9.11 -47.59
C ARG A 72 0.87 -8.17 -48.73
N GLU A 73 -0.37 -7.68 -48.71
CA GLU A 73 -0.85 -6.76 -49.74
C GLU A 73 0.04 -5.53 -49.75
N ILE A 74 0.00 -4.72 -48.69
CA ILE A 74 0.80 -3.49 -48.64
C ILE A 74 2.32 -3.73 -48.78
N ALA A 75 2.75 -5.00 -48.68
CA ALA A 75 4.12 -5.42 -49.00
C ALA A 75 4.47 -5.08 -50.43
N GLN A 76 3.62 -5.51 -51.35
CA GLN A 76 3.81 -5.40 -52.81
C GLN A 76 4.17 -4.00 -53.27
N ASP A 77 3.30 -3.05 -52.94
CA ASP A 77 3.54 -1.62 -53.21
C ASP A 77 4.86 -1.11 -52.58
N PHE A 78 5.31 -1.74 -51.49
CA PHE A 78 6.64 -1.50 -50.93
C PHE A 78 7.74 -2.24 -51.74
N LYS A 79 7.85 -3.55 -51.55
CA LYS A 79 8.91 -4.35 -52.17
C LYS A 79 8.39 -5.71 -52.64
N THR A 80 8.29 -5.87 -53.96
CA THR A 80 7.79 -7.09 -54.58
C THR A 80 8.71 -8.29 -54.29
N ASP A 81 8.10 -9.45 -54.01
CA ASP A 81 8.80 -10.68 -53.61
C ASP A 81 9.56 -10.66 -52.28
N LEU A 82 8.79 -10.66 -51.18
CA LEU A 82 9.33 -10.53 -49.84
C LEU A 82 8.77 -11.61 -48.90
N ARG A 83 9.47 -11.80 -47.79
CA ARG A 83 9.02 -12.68 -46.71
C ARG A 83 9.05 -11.89 -45.41
N PHE A 84 8.33 -12.38 -44.41
CA PHE A 84 8.28 -11.75 -43.07
C PHE A 84 8.08 -12.80 -41.99
N GLN A 85 8.70 -12.58 -40.83
CA GLN A 85 8.56 -13.46 -39.68
C GLN A 85 7.12 -13.42 -39.16
N SER A 86 6.54 -14.59 -38.91
CA SER A 86 5.21 -14.71 -38.33
C SER A 86 5.10 -13.94 -37.01
N SER A 87 6.19 -14.00 -36.24
CA SER A 87 6.35 -13.16 -35.07
C SER A 87 6.07 -11.68 -35.43
N ALA A 88 7.00 -11.05 -36.15
CA ALA A 88 6.85 -9.68 -36.66
C ALA A 88 5.42 -9.41 -37.07
N VAL A 89 4.91 -10.30 -37.92
CA VAL A 89 3.57 -10.22 -38.47
C VAL A 89 2.60 -9.77 -37.37
N MET A 90 2.58 -10.53 -36.28
CA MET A 90 1.67 -10.25 -35.15
C MET A 90 1.75 -8.78 -34.71
N ALA A 91 2.95 -8.34 -34.40
CA ALA A 91 3.17 -6.97 -33.92
C ALA A 91 2.44 -5.98 -34.80
N LEU A 92 2.72 -6.07 -36.10
CA LEU A 92 2.11 -5.19 -37.07
C LEU A 92 0.59 -5.13 -36.82
N GLN A 93 -0.03 -6.30 -36.67
CA GLN A 93 -1.43 -6.32 -36.26
C GLN A 93 -1.48 -5.60 -34.93
N GLU A 94 -0.78 -6.17 -33.96
CA GLU A 94 -0.85 -5.70 -32.58
C GLU A 94 -1.02 -4.20 -32.54
N ALA A 95 -0.08 -3.49 -33.17
CA ALA A 95 0.04 -2.03 -33.02
C ALA A 95 -1.16 -1.36 -33.63
N SER A 96 -1.39 -1.69 -34.89
CA SER A 96 -2.45 -1.07 -35.65
C SER A 96 -3.81 -1.49 -35.10
N GLU A 97 -3.86 -2.72 -34.58
CA GLU A 97 -4.97 -3.15 -33.77
C GLU A 97 -5.13 -2.21 -32.57
N ALA A 98 -4.01 -1.96 -31.88
CA ALA A 98 -4.01 -1.11 -30.69
C ALA A 98 -4.28 0.33 -31.07
N TYR A 99 -3.42 0.88 -31.92
CA TYR A 99 -3.65 2.17 -32.55
C TYR A 99 -5.11 2.46 -32.81
N LEU A 100 -5.77 1.51 -33.45
CA LEU A 100 -7.17 1.62 -33.75
C LEU A 100 -8.02 1.65 -32.47
N VAL A 101 -7.70 0.81 -31.49
CA VAL A 101 -8.43 0.77 -30.21
C VAL A 101 -8.58 2.16 -29.56
N ALA A 102 -7.48 2.92 -29.52
CA ALA A 102 -7.49 4.25 -28.93
C ALA A 102 -8.04 5.29 -29.91
N LEU A 103 -7.76 5.15 -31.22
CA LEU A 103 -8.24 6.10 -32.24
C LEU A 103 -9.73 6.00 -32.50
N PHE A 104 -10.29 4.84 -32.11
CA PHE A 104 -11.74 4.62 -32.00
C PHE A 104 -12.16 5.16 -30.62
N GLU A 105 -11.35 4.88 -29.58
CA GLU A 105 -11.53 5.49 -28.25
C GLU A 105 -11.63 7.04 -28.33
N ASP A 106 -10.51 7.70 -28.64
CA ASP A 106 -10.51 9.14 -28.94
C ASP A 106 -11.71 9.55 -29.84
N THR A 107 -12.00 8.73 -30.85
CA THR A 107 -13.14 8.96 -31.72
C THR A 107 -14.48 9.01 -30.97
N ASN A 108 -14.58 8.29 -29.84
CA ASN A 108 -15.81 8.28 -29.01
C ASN A 108 -16.22 9.64 -28.49
N LEU A 109 -15.22 10.42 -28.05
CA LEU A 109 -15.40 11.83 -27.65
C LEU A 109 -15.86 12.71 -28.83
N CYS A 110 -15.31 12.44 -30.01
CA CYS A 110 -15.58 13.18 -31.21
C CYS A 110 -17.06 13.30 -31.53
N ALA A 111 -17.84 12.27 -31.18
CA ALA A 111 -19.29 12.34 -31.28
C ALA A 111 -20.00 12.50 -29.91
N ILE A 112 -19.37 12.02 -28.83
CA ILE A 112 -19.81 12.36 -27.48
C ILE A 112 -19.93 13.87 -27.35
N HIS A 113 -18.91 14.57 -27.87
CA HIS A 113 -18.78 16.05 -27.84
C HIS A 113 -19.54 16.82 -28.95
N ALA A 114 -20.44 16.12 -29.66
CA ALA A 114 -21.20 16.68 -30.79
C ALA A 114 -22.68 16.47 -30.60
N LYS A 115 -23.12 16.39 -29.33
CA LYS A 115 -24.50 16.02 -28.99
C LYS A 115 -24.92 14.65 -29.53
N ARG A 116 -23.95 13.74 -29.70
CA ARG A 116 -24.20 12.42 -30.32
C ARG A 116 -23.85 11.28 -29.35
N VAL A 117 -24.57 10.16 -29.47
CA VAL A 117 -24.20 8.87 -28.87
C VAL A 117 -23.59 7.91 -29.90
N THR A 118 -23.94 8.05 -31.19
CA THR A 118 -23.50 7.15 -32.29
C THR A 118 -22.43 7.73 -33.21
N ILE A 119 -21.30 7.03 -33.33
CA ILE A 119 -20.11 7.53 -34.02
C ILE A 119 -20.13 7.41 -35.57
N MET A 120 -20.44 8.51 -36.28
CA MET A 120 -20.42 8.56 -37.76
C MET A 120 -19.06 8.93 -38.36
N PRO A 121 -19.02 9.11 -39.69
CA PRO A 121 -17.81 9.25 -40.52
C PRO A 121 -16.92 10.42 -40.11
N LYS A 122 -17.51 11.62 -40.12
CA LYS A 122 -16.82 12.87 -39.78
C LYS A 122 -16.12 12.71 -38.45
N ASP A 123 -16.87 12.23 -37.46
CA ASP A 123 -16.35 11.96 -36.14
C ASP A 123 -14.98 11.29 -36.22
N ILE A 124 -14.86 10.25 -37.04
CA ILE A 124 -13.56 9.58 -37.20
C ILE A 124 -12.49 10.55 -37.67
N GLN A 125 -12.85 11.34 -38.68
CA GLN A 125 -11.95 12.33 -39.30
C GLN A 125 -11.50 13.42 -38.31
N LEU A 126 -12.48 14.08 -37.68
CA LEU A 126 -12.20 15.15 -36.72
C LEU A 126 -11.01 14.81 -35.87
N ALA A 127 -11.01 13.58 -35.35
CA ALA A 127 -9.93 13.11 -34.51
C ALA A 127 -8.59 13.13 -35.24
N ARG A 128 -8.56 12.73 -36.50
CA ARG A 128 -7.33 12.76 -37.28
C ARG A 128 -6.64 14.16 -37.28
N ARG A 129 -7.43 15.23 -37.35
CA ARG A 129 -6.89 16.60 -37.36
C ARG A 129 -6.32 17.00 -35.98
N ILE A 130 -7.09 16.78 -34.92
CA ILE A 130 -6.61 17.02 -33.55
C ILE A 130 -5.37 16.19 -33.18
N ARG A 131 -5.12 15.12 -33.94
CA ARG A 131 -3.86 14.38 -33.89
C ARG A 131 -2.83 15.00 -34.82
N GLY A 132 -3.32 15.50 -35.96
CA GLY A 132 -2.50 16.08 -36.97
C GLY A 132 -1.95 15.02 -37.90
N GLU A 133 -2.74 13.97 -38.11
CA GLU A 133 -2.36 12.90 -39.01
C GLU A 133 -2.49 13.38 -40.45
N ARG A 134 -3.55 14.17 -40.67
CA ARG A 134 -3.81 14.83 -41.95
C ARG A 134 -3.48 16.32 -41.85
N ALA A 135 -4.24 17.06 -41.05
CA ALA A 135 -4.11 18.53 -40.97
C ALA A 135 -3.00 18.96 -40.01
N ASP B 24 -8.42 -9.06 -51.98
CA ASP B 24 -9.26 -7.93 -51.47
C ASP B 24 -8.55 -7.07 -50.43
N ASN B 25 -8.04 -7.69 -49.36
CA ASN B 25 -7.16 -7.05 -48.36
C ASN B 25 -7.85 -6.04 -47.41
N ILE B 26 -8.42 -4.97 -47.98
CA ILE B 26 -9.19 -3.97 -47.20
C ILE B 26 -10.56 -4.47 -46.76
N GLN B 27 -11.11 -5.41 -47.55
CA GLN B 27 -12.29 -6.17 -47.16
C GLN B 27 -12.00 -7.09 -45.98
N GLY B 28 -10.73 -7.52 -45.88
CA GLY B 28 -10.21 -8.29 -44.76
C GLY B 28 -10.56 -7.80 -43.37
N ILE B 29 -10.28 -6.52 -43.08
CA ILE B 29 -10.79 -5.86 -41.87
C ILE B 29 -12.34 -5.76 -41.93
N THR B 30 -13.00 -6.82 -41.45
CA THR B 30 -14.42 -7.06 -41.62
C THR B 30 -15.24 -6.61 -40.44
N LYS B 31 -16.46 -6.17 -40.71
CA LYS B 31 -17.38 -5.56 -39.72
C LYS B 31 -17.37 -6.02 -38.25
N PRO B 32 -17.49 -7.32 -38.00
CA PRO B 32 -17.41 -7.84 -36.61
C PRO B 32 -15.99 -7.82 -35.99
N ALA B 33 -15.12 -7.01 -36.58
CA ALA B 33 -13.78 -6.84 -36.13
C ALA B 33 -13.50 -5.34 -35.96
N ILE B 34 -13.79 -4.51 -36.98
CA ILE B 34 -13.82 -3.05 -36.80
C ILE B 34 -14.61 -2.85 -35.53
N ARG B 35 -15.87 -3.27 -35.56
CA ARG B 35 -16.75 -3.19 -34.40
C ARG B 35 -16.04 -3.66 -33.14
N ARG B 36 -15.53 -4.89 -33.20
CA ARG B 36 -14.81 -5.49 -32.08
C ARG B 36 -13.80 -4.49 -31.58
N LEU B 37 -12.91 -4.09 -32.49
CA LEU B 37 -11.88 -3.14 -32.20
C LEU B 37 -12.47 -1.82 -31.64
N ALA B 38 -13.67 -1.46 -32.09
CA ALA B 38 -14.33 -0.22 -31.68
C ALA B 38 -15.06 -0.29 -30.35
N ARG B 39 -15.67 -1.45 -30.06
CA ARG B 39 -16.24 -1.71 -28.72
C ARG B 39 -15.13 -1.74 -27.67
N ARG B 40 -13.90 -2.02 -28.13
CA ARG B 40 -12.71 -1.95 -27.30
C ARG B 40 -12.34 -0.56 -26.80
N GLY B 41 -13.02 0.48 -27.29
CA GLY B 41 -12.94 1.83 -26.72
C GLY B 41 -14.30 2.35 -26.30
N GLY B 42 -15.21 1.44 -25.96
CA GLY B 42 -16.58 1.80 -25.62
C GLY B 42 -17.43 2.44 -26.70
N VAL B 43 -17.11 2.23 -27.98
CA VAL B 43 -17.96 2.73 -29.08
C VAL B 43 -19.40 2.25 -28.86
N LYS B 44 -20.31 3.20 -28.63
CA LYS B 44 -21.70 2.88 -28.27
C LYS B 44 -22.52 2.40 -29.44
N ARG B 45 -22.14 2.87 -30.63
CA ARG B 45 -22.77 2.50 -31.90
C ARG B 45 -21.94 2.99 -33.09
N ILE B 46 -21.57 2.08 -34.00
CA ILE B 46 -20.89 2.43 -35.24
C ILE B 46 -21.93 2.80 -36.27
N SER B 47 -21.71 3.93 -36.94
CA SER B 47 -22.62 4.37 -37.99
C SER B 47 -22.28 3.64 -39.29
N GLY B 48 -23.09 3.92 -40.31
CA GLY B 48 -23.06 3.17 -41.55
C GLY B 48 -21.78 3.38 -42.31
N LEU B 49 -21.54 4.63 -42.68
CA LEU B 49 -20.32 4.97 -43.40
C LEU B 49 -19.06 4.58 -42.58
N ILE B 50 -19.09 4.88 -41.28
CA ILE B 50 -17.94 4.76 -40.35
C ILE B 50 -17.06 3.52 -40.52
N TYR B 51 -17.69 2.39 -40.85
CA TYR B 51 -17.03 1.09 -40.95
C TYR B 51 -15.82 0.92 -41.87
N GLU B 52 -16.01 1.12 -43.17
CA GLU B 52 -14.90 1.02 -44.12
C GLU B 52 -13.92 2.20 -44.02
N GLU B 53 -14.39 3.33 -43.48
CA GLU B 53 -13.49 4.43 -43.07
C GLU B 53 -12.35 3.91 -42.23
N THR B 54 -12.68 2.96 -41.35
CA THR B 54 -11.69 2.26 -40.58
C THR B 54 -10.72 1.49 -41.48
N ARG B 55 -11.22 0.92 -42.57
CA ARG B 55 -10.37 0.22 -43.56
C ARG B 55 -9.37 1.13 -44.29
N GLY B 56 -9.86 2.29 -44.71
CA GLY B 56 -9.01 3.35 -45.24
C GLY B 56 -7.98 3.79 -44.22
N VAL B 57 -8.43 4.08 -42.99
CA VAL B 57 -7.50 4.40 -41.89
C VAL B 57 -6.52 3.26 -41.68
N LEU B 58 -7.03 2.04 -41.43
CA LEU B 58 -6.20 0.85 -41.14
C LEU B 58 -5.28 0.52 -42.29
N LYS B 59 -5.75 0.87 -43.49
CA LYS B 59 -4.91 0.95 -44.68
C LYS B 59 -3.84 2.00 -44.43
N VAL B 60 -4.29 3.23 -44.23
CA VAL B 60 -3.42 4.35 -44.00
C VAL B 60 -2.35 3.92 -43.02
N PHE B 61 -2.76 3.56 -41.81
CA PHE B 61 -1.81 3.21 -40.75
C PHE B 61 -0.90 2.10 -41.23
N LEU B 62 -1.49 1.04 -41.80
CA LEU B 62 -0.70 -0.06 -42.37
C LEU B 62 0.36 0.51 -43.30
N GLU B 63 -0.12 1.36 -44.20
CA GLU B 63 0.68 1.98 -45.24
C GLU B 63 1.87 2.73 -44.65
N ASN B 64 1.57 3.75 -43.85
CA ASN B 64 2.61 4.53 -43.21
C ASN B 64 3.73 3.61 -42.70
N VAL B 65 3.31 2.49 -42.05
CA VAL B 65 4.22 1.67 -41.26
C VAL B 65 5.04 0.71 -42.10
N ILE B 66 4.36 -0.24 -42.75
CA ILE B 66 5.03 -1.32 -43.46
C ILE B 66 6.20 -0.79 -44.30
N ARG B 67 5.96 0.38 -44.90
CA ARG B 67 6.90 1.11 -45.77
C ARG B 67 8.24 1.45 -45.12
N ASP B 68 8.20 2.24 -44.05
CA ASP B 68 9.43 2.58 -43.32
C ASP B 68 10.09 1.30 -42.84
N ALA B 69 9.27 0.31 -42.46
CA ALA B 69 9.74 -0.97 -41.92
C ALA B 69 10.49 -1.78 -42.96
N VAL B 70 9.83 -2.01 -44.08
CA VAL B 70 10.49 -2.67 -45.19
C VAL B 70 11.79 -1.91 -45.52
N THR B 71 11.68 -0.58 -45.64
CA THR B 71 12.83 0.34 -45.82
C THR B 71 13.95 0.12 -44.79
N TYR B 72 13.56 -0.19 -43.56
CA TYR B 72 14.48 -0.60 -42.50
C TYR B 72 15.04 -2.02 -42.67
N THR B 73 14.26 -2.94 -43.24
CA THR B 73 14.78 -4.24 -43.67
C THR B 73 15.82 -4.06 -44.81
N GLU B 74 15.50 -3.16 -45.74
CA GLU B 74 16.36 -2.83 -46.87
C GLU B 74 17.76 -2.41 -46.43
N HIS B 75 17.84 -1.48 -45.49
CA HIS B 75 19.13 -0.92 -45.02
C HIS B 75 20.03 -1.92 -44.26
N ALA B 76 19.56 -3.16 -44.11
CA ALA B 76 20.39 -4.32 -43.75
C ALA B 76 20.28 -5.53 -44.71
N LYS B 77 19.53 -5.40 -45.81
CA LYS B 77 19.49 -6.39 -46.92
C LYS B 77 18.76 -7.72 -46.64
N ARG B 78 17.84 -7.70 -45.68
CA ARG B 78 17.04 -8.87 -45.33
C ARG B 78 15.89 -9.02 -46.31
N LYS B 79 15.76 -10.21 -46.91
CA LYS B 79 14.57 -10.57 -47.73
C LYS B 79 13.43 -11.06 -46.83
N THR B 80 13.79 -11.66 -45.69
CA THR B 80 12.86 -11.92 -44.60
C THR B 80 12.89 -10.72 -43.64
N VAL B 81 11.75 -10.05 -43.51
CA VAL B 81 11.61 -8.87 -42.66
C VAL B 81 11.57 -9.28 -41.19
N THR B 82 12.42 -8.66 -40.37
CA THR B 82 12.50 -8.96 -38.93
C THR B 82 11.29 -8.44 -38.14
N ALA B 83 11.06 -9.02 -36.97
CA ALA B 83 10.08 -8.47 -36.04
C ALA B 83 10.58 -7.17 -35.44
N MET B 84 11.82 -7.18 -34.93
CA MET B 84 12.49 -5.98 -34.40
C MET B 84 12.56 -4.81 -35.40
N ASP B 85 12.56 -5.14 -36.70
CA ASP B 85 12.44 -4.14 -37.77
C ASP B 85 11.08 -3.49 -37.74
N VAL B 86 10.05 -4.32 -37.68
CA VAL B 86 8.70 -3.84 -37.43
C VAL B 86 8.70 -2.95 -36.19
N VAL B 87 9.28 -3.46 -35.11
CA VAL B 87 9.27 -2.76 -33.84
C VAL B 87 9.99 -1.41 -33.89
N TYR B 88 11.27 -1.44 -34.26
CA TYR B 88 12.13 -0.24 -34.29
C TYR B 88 11.53 0.84 -35.19
N ALA B 89 10.92 0.39 -36.30
CA ALA B 89 10.11 1.24 -37.17
C ALA B 89 8.80 1.67 -36.52
N LEU B 90 8.14 0.73 -35.84
CA LEU B 90 6.96 1.04 -35.01
C LEU B 90 7.32 2.04 -33.90
N LYS B 91 8.59 2.09 -33.50
CA LYS B 91 9.09 3.15 -32.60
C LYS B 91 9.23 4.50 -33.31
N ARG B 92 10.12 4.54 -34.30
CA ARG B 92 10.43 5.75 -35.05
C ARG B 92 9.19 6.53 -35.45
N GLN B 93 8.20 5.82 -36.00
CA GLN B 93 6.90 6.41 -36.33
C GLN B 93 6.38 7.27 -35.18
N GLY B 94 6.38 6.69 -33.98
CA GLY B 94 5.97 7.38 -32.74
C GLY B 94 5.12 6.64 -31.70
N ARG B 95 4.86 5.36 -31.92
CA ARG B 95 4.07 4.57 -30.98
C ARG B 95 4.84 3.30 -30.57
N THR B 96 6.01 3.51 -29.98
CA THR B 96 6.90 2.41 -29.58
C THR B 96 6.07 1.36 -28.87
N LEU B 97 6.00 0.19 -29.48
CA LEU B 97 5.33 -0.95 -28.86
C LEU B 97 6.35 -1.73 -28.05
N TYR B 98 5.83 -2.34 -26.98
CA TYR B 98 6.62 -3.09 -26.03
C TYR B 98 6.16 -4.55 -26.09
N GLY B 99 7.04 -5.42 -25.60
CA GLY B 99 6.93 -6.87 -25.71
C GLY B 99 8.11 -7.33 -26.53
N PHE B 100 7.80 -7.82 -27.74
CA PHE B 100 8.80 -8.26 -28.71
C PHE B 100 9.74 -7.10 -29.07
N GLY B 101 11.04 -7.39 -29.14
CA GLY B 101 12.03 -6.40 -29.53
C GLY B 101 13.40 -6.68 -28.94
N LYS C 15 35.29 -8.63 -6.25
CA LYS C 15 34.05 -7.99 -5.71
C LYS C 15 33.15 -7.44 -6.83
N THR C 16 31.87 -7.86 -6.83
CA THR C 16 30.85 -7.33 -7.74
C THR C 16 30.44 -5.95 -7.28
N ARG C 17 30.43 -4.99 -8.21
CA ARG C 17 30.04 -3.61 -7.89
C ARG C 17 28.59 -3.53 -7.42
N SER C 18 27.71 -4.32 -8.04
CA SER C 18 26.29 -4.43 -7.62
C SER C 18 26.16 -4.97 -6.21
N SER C 19 27.04 -5.90 -5.85
CA SER C 19 27.19 -6.32 -4.46
C SER C 19 27.51 -5.10 -3.59
N ARG C 20 28.55 -4.36 -3.99
CA ARG C 20 29.02 -3.16 -3.27
C ARG C 20 27.94 -2.08 -3.10
N ALA C 21 27.39 -1.61 -4.22
CA ALA C 21 26.36 -0.57 -4.22
C ALA C 21 25.01 -1.07 -3.70
N GLY C 22 24.70 -2.33 -3.97
CA GLY C 22 23.54 -3.02 -3.36
C GLY C 22 22.24 -3.04 -4.17
N LEU C 23 22.34 -2.86 -5.48
CA LEU C 23 21.19 -2.99 -6.39
C LEU C 23 21.35 -4.25 -7.25
N GLN C 24 20.22 -4.93 -7.53
CA GLN C 24 20.23 -6.27 -8.13
C GLN C 24 20.71 -6.31 -9.60
N PHE C 25 20.02 -5.57 -10.49
CA PHE C 25 20.29 -5.56 -11.96
C PHE C 25 21.71 -5.12 -12.32
N PRO C 26 22.57 -6.10 -12.67
CA PRO C 26 24.03 -6.00 -12.83
C PRO C 26 24.52 -4.63 -13.27
N VAL C 27 25.02 -3.84 -12.33
CA VAL C 27 25.59 -2.51 -12.62
C VAL C 27 27.07 -2.54 -13.09
N GLY C 28 27.56 -3.73 -13.46
CA GLY C 28 28.72 -3.87 -14.37
C GLY C 28 28.33 -3.95 -15.84
N ARG C 29 27.16 -4.55 -16.11
CA ARG C 29 26.56 -4.53 -17.43
C ARG C 29 26.08 -3.12 -17.79
N VAL C 30 25.74 -2.30 -16.78
CA VAL C 30 25.43 -0.88 -16.98
C VAL C 30 26.66 -0.06 -17.31
N HIS C 31 27.75 -0.29 -16.60
CA HIS C 31 29.03 0.34 -16.93
C HIS C 31 29.60 -0.12 -18.29
N ARG C 32 29.21 -1.33 -18.72
CA ARG C 32 29.70 -1.95 -19.98
C ARG C 32 28.73 -1.82 -21.17
N LEU C 33 27.43 -1.76 -20.90
CA LEU C 33 26.47 -1.34 -21.92
C LEU C 33 26.74 0.11 -22.30
N LEU C 34 26.99 0.95 -21.29
CA LEU C 34 27.20 2.38 -21.51
C LEU C 34 28.37 2.63 -22.47
N ARG C 35 29.55 2.09 -22.16
CA ARG C 35 30.75 2.39 -22.93
C ARG C 35 30.54 2.14 -24.43
N LYS C 36 30.23 0.88 -24.77
CA LYS C 36 30.02 0.43 -26.16
C LYS C 36 28.59 0.65 -26.70
N GLY C 37 27.71 1.22 -25.88
CA GLY C 37 26.44 1.76 -26.35
C GLY C 37 26.58 3.09 -27.09
N ASN C 38 27.74 3.75 -26.94
CA ASN C 38 28.04 5.02 -27.60
C ASN C 38 27.11 6.15 -27.17
N TYR C 39 26.86 6.23 -25.86
CA TYR C 39 26.15 7.37 -25.26
C TYR C 39 27.09 8.59 -25.22
N ALA C 40 28.35 8.36 -24.88
CA ALA C 40 29.38 9.39 -24.95
C ALA C 40 30.79 8.76 -24.97
N GLU C 41 31.82 9.63 -24.96
CA GLU C 41 33.22 9.21 -24.93
C GLU C 41 33.56 8.51 -23.62
N ARG C 42 33.36 9.22 -22.51
CA ARG C 42 33.65 8.69 -21.17
C ARG C 42 32.37 8.52 -20.35
N VAL C 43 32.44 7.70 -19.30
CA VAL C 43 31.27 7.45 -18.44
C VAL C 43 31.67 6.90 -17.08
N GLY C 44 31.65 7.77 -16.06
CA GLY C 44 32.09 7.46 -14.70
C GLY C 44 31.49 6.21 -14.08
N ALA C 45 32.17 5.67 -13.07
CA ALA C 45 31.75 4.44 -12.39
C ALA C 45 30.32 4.55 -11.86
N GLY C 46 30.08 5.60 -11.06
CA GLY C 46 28.75 5.88 -10.52
C GLY C 46 27.64 6.03 -11.54
N ALA C 47 27.99 6.55 -12.73
CA ALA C 47 27.01 6.77 -13.80
C ALA C 47 26.23 5.49 -14.10
N PRO C 48 26.94 4.36 -14.22
CA PRO C 48 26.24 3.09 -14.31
C PRO C 48 25.45 2.82 -13.04
N VAL C 49 26.08 3.01 -11.88
CA VAL C 49 25.45 2.78 -10.57
C VAL C 49 24.14 3.56 -10.42
N TYR C 50 24.24 4.89 -10.29
CA TYR C 50 23.04 5.74 -10.12
C TYR C 50 21.97 5.42 -11.17
N LEU C 51 22.41 5.08 -12.38
CA LEU C 51 21.51 4.66 -13.46
C LEU C 51 20.89 3.32 -13.18
N ALA C 52 21.74 2.37 -12.78
CA ALA C 52 21.28 1.05 -12.40
C ALA C 52 20.17 1.19 -11.37
N ALA C 53 20.42 2.00 -10.37
CA ALA C 53 19.46 2.23 -9.30
C ALA C 53 18.28 3.07 -9.73
N VAL C 54 18.49 3.98 -10.69
CA VAL C 54 17.36 4.61 -11.37
C VAL C 54 16.52 3.51 -12.02
N LEU C 55 17.17 2.59 -12.74
CA LEU C 55 16.51 1.50 -13.51
C LEU C 55 15.73 0.52 -12.63
N GLU C 56 16.35 0.11 -11.53
CA GLU C 56 15.75 -0.86 -10.60
C GLU C 56 14.63 -0.26 -9.70
N TYR C 57 14.80 0.98 -9.23
CA TYR C 57 13.72 1.68 -8.51
C TYR C 57 12.49 1.88 -9.36
N LEU C 58 12.70 1.77 -10.68
CA LEU C 58 11.66 1.63 -11.70
C LEU C 58 11.18 0.19 -11.87
N THR C 59 12.10 -0.71 -12.22
CA THR C 59 11.78 -2.13 -12.31
C THR C 59 10.92 -2.59 -11.11
N ALA C 60 11.30 -2.12 -9.92
CA ALA C 60 10.62 -2.50 -8.67
C ALA C 60 9.30 -1.79 -8.47
N GLU C 61 9.32 -0.46 -8.59
CA GLU C 61 8.12 0.35 -8.43
C GLU C 61 7.07 -0.13 -9.43
N ILE C 62 7.53 -0.49 -10.64
CA ILE C 62 6.69 -1.10 -11.65
C ILE C 62 6.16 -2.44 -11.13
N LEU C 63 7.06 -3.41 -10.99
CA LEU C 63 6.70 -4.81 -10.69
C LEU C 63 5.51 -4.91 -9.76
N GLU C 64 5.65 -4.33 -8.57
CA GLU C 64 4.72 -4.50 -7.45
C GLU C 64 3.31 -3.98 -7.71
N LEU C 65 3.21 -2.96 -8.56
CA LEU C 65 1.92 -2.49 -9.03
C LEU C 65 1.19 -3.66 -9.69
N ALA C 66 1.92 -4.40 -10.54
CA ALA C 66 1.38 -5.63 -11.11
C ALA C 66 1.12 -6.63 -10.00
N GLY C 67 2.15 -6.86 -9.17
CA GLY C 67 2.09 -7.83 -8.07
C GLY C 67 0.86 -7.74 -7.20
N ASN C 68 0.50 -6.51 -6.84
CA ASN C 68 -0.74 -6.25 -6.13
C ASN C 68 -1.98 -6.42 -7.02
N ALA C 69 -1.89 -5.98 -8.27
CA ALA C 69 -2.99 -6.08 -9.22
C ALA C 69 -3.24 -7.52 -9.67
N ALA C 70 -2.16 -8.18 -10.09
CA ALA C 70 -2.19 -9.58 -10.55
C ALA C 70 -2.71 -10.55 -9.49
N ARG C 71 -2.34 -10.30 -8.23
CA ARG C 71 -2.95 -11.00 -7.13
C ARG C 71 -4.45 -10.74 -7.15
N ASP C 72 -4.82 -9.46 -7.25
CA ASP C 72 -6.22 -9.01 -7.19
C ASP C 72 -7.12 -9.74 -8.19
N ASN C 73 -6.78 -9.64 -9.47
CA ASN C 73 -7.58 -10.30 -10.51
C ASN C 73 -7.28 -11.80 -10.55
N LYS C 74 -6.04 -12.13 -10.91
CA LYS C 74 -5.62 -13.52 -11.13
C LYS C 74 -5.16 -14.09 -9.78
N LYS C 75 -4.46 -15.22 -9.82
CA LYS C 75 -3.97 -15.85 -8.60
C LYS C 75 -2.57 -15.31 -8.26
N THR C 76 -1.57 -15.73 -9.03
CA THR C 76 -0.17 -15.51 -8.68
C THR C 76 0.58 -14.77 -9.76
N ARG C 77 0.59 -15.34 -10.95
CA ARG C 77 1.44 -14.88 -12.06
C ARG C 77 0.84 -13.75 -12.92
N ILE C 78 1.67 -12.75 -13.19
CA ILE C 78 1.27 -11.58 -13.96
C ILE C 78 1.06 -11.93 -15.41
N ILE C 79 -0.11 -11.55 -15.93
CA ILE C 79 -0.34 -11.50 -17.37
C ILE C 79 0.16 -10.15 -17.90
N PRO C 80 0.28 -10.01 -19.24
CA PRO C 80 0.62 -8.72 -19.85
C PRO C 80 -0.47 -7.69 -19.55
N ARG C 81 -1.71 -8.05 -19.85
CA ARG C 81 -2.88 -7.23 -19.54
C ARG C 81 -3.15 -7.02 -18.06
N HIS C 82 -2.39 -7.70 -17.21
CA HIS C 82 -2.21 -7.32 -15.81
C HIS C 82 -1.19 -6.16 -15.76
N LEU C 83 0.02 -6.41 -16.25
CA LEU C 83 1.11 -5.44 -16.19
C LEU C 83 0.64 -4.02 -16.56
N GLN C 84 0.12 -3.89 -17.78
CA GLN C 84 -0.43 -2.63 -18.29
C GLN C 84 -1.72 -2.25 -17.59
N LEU C 85 -2.47 -3.23 -17.06
CA LEU C 85 -3.61 -2.95 -16.18
C LEU C 85 -3.17 -2.17 -14.94
N ALA C 86 -1.87 -2.26 -14.61
CA ALA C 86 -1.27 -1.39 -13.59
C ALA C 86 -0.88 -0.02 -14.13
N VAL C 87 -0.08 -0.02 -15.20
CA VAL C 87 0.61 1.19 -15.72
C VAL C 87 -0.34 2.30 -16.15
N ARG C 88 -1.48 1.89 -16.69
CA ARG C 88 -2.56 2.82 -16.94
C ARG C 88 -2.96 3.55 -15.66
N ASN C 89 -3.15 2.80 -14.57
CA ASN C 89 -3.75 3.31 -13.32
C ASN C 89 -2.86 4.23 -12.44
N ASP C 90 -1.52 4.02 -12.44
CA ASP C 90 -0.58 4.92 -11.71
C ASP C 90 -0.37 6.19 -12.50
N GLU C 91 -0.99 7.27 -12.06
CA GLU C 91 -0.95 8.56 -12.75
C GLU C 91 0.47 8.98 -13.13
N GLU C 92 1.46 8.68 -12.28
CA GLU C 92 2.87 8.99 -12.59
C GLU C 92 3.42 8.20 -13.80
N LEU C 93 3.35 6.87 -13.72
CA LEU C 93 3.76 6.00 -14.82
C LEU C 93 2.91 6.30 -16.06
N ASN C 94 1.59 6.41 -15.86
CA ASN C 94 0.61 6.70 -16.92
C ASN C 94 1.12 7.66 -17.95
N LYS C 95 1.86 8.64 -17.45
CA LYS C 95 2.67 9.47 -18.30
C LYS C 95 3.83 8.63 -18.84
N LEU C 96 4.75 8.24 -17.96
CA LEU C 96 5.99 7.58 -18.37
C LEU C 96 5.75 6.69 -19.56
N LEU C 97 4.77 5.80 -19.40
CA LEU C 97 4.32 4.89 -20.46
C LEU C 97 3.05 5.42 -21.14
N GLY C 98 3.09 6.69 -21.55
CA GLY C 98 2.00 7.35 -22.27
C GLY C 98 2.25 7.52 -23.76
N ARG C 99 3.49 7.32 -24.20
CA ARG C 99 3.83 7.28 -25.63
C ARG C 99 4.12 5.84 -26.11
N VAL C 100 3.98 4.86 -25.20
CA VAL C 100 4.28 3.45 -25.46
C VAL C 100 3.00 2.64 -25.75
N THR C 101 3.19 1.36 -26.10
CA THR C 101 2.08 0.47 -26.43
C THR C 101 2.39 -0.96 -25.95
N ILE C 102 2.20 -1.19 -24.65
CA ILE C 102 2.49 -2.49 -24.01
C ILE C 102 1.56 -3.54 -24.57
N ALA C 103 2.13 -4.59 -25.17
CA ALA C 103 1.35 -5.52 -26.01
C ALA C 103 0.43 -6.45 -25.22
N GLN C 104 -0.68 -6.81 -25.85
CA GLN C 104 -1.74 -7.61 -25.24
C GLN C 104 -2.49 -6.89 -24.12
N GLY C 105 -2.33 -5.57 -24.01
CA GLY C 105 -2.85 -4.82 -22.89
C GLY C 105 -4.37 -4.80 -22.91
N GLY C 106 -4.91 -4.03 -23.85
CA GLY C 106 -6.31 -3.70 -23.83
C GLY C 106 -6.57 -2.61 -22.81
N VAL C 107 -7.75 -2.00 -22.90
CA VAL C 107 -8.06 -0.81 -22.12
C VAL C 107 -8.44 -1.10 -20.68
N LEU C 108 -7.81 -0.39 -19.74
CA LEU C 108 -8.36 -0.20 -18.41
C LEU C 108 -9.69 0.46 -18.70
N PRO C 109 -10.78 -0.28 -18.47
CA PRO C 109 -12.09 0.07 -19.01
C PRO C 109 -12.62 1.44 -18.52
N ASN C 110 -13.46 2.06 -19.35
CA ASN C 110 -14.18 3.29 -18.99
C ASN C 110 -15.34 3.40 -19.96
N ILE C 111 -16.47 3.91 -19.52
CA ILE C 111 -17.57 4.24 -20.43
C ILE C 111 -18.06 5.65 -20.09
N GLN C 112 -18.42 6.43 -21.10
CA GLN C 112 -18.81 7.82 -20.87
C GLN C 112 -20.09 7.89 -20.04
N SER C 113 -20.25 8.98 -19.30
CA SER C 113 -21.47 9.19 -18.50
C SER C 113 -22.75 9.20 -19.34
N VAL C 114 -22.66 9.71 -20.58
CA VAL C 114 -23.74 9.67 -21.56
C VAL C 114 -23.76 8.37 -22.40
N LEU C 115 -23.31 7.26 -21.82
CA LEU C 115 -23.34 5.94 -22.45
C LEU C 115 -24.08 4.88 -21.62
N LEU C 116 -23.86 4.87 -20.28
CA LEU C 116 -24.58 3.97 -19.37
C LEU C 116 -26.08 4.28 -19.34
N PRO C 117 -26.90 3.36 -18.80
CA PRO C 117 -28.36 3.40 -18.76
C PRO C 117 -28.93 4.71 -18.20
N LYS C 118 -30.22 4.96 -18.43
CA LYS C 118 -30.81 6.24 -18.03
C LYS C 118 -32.32 6.19 -17.89
N LYS C 119 -32.79 6.02 -16.64
CA LYS C 119 -34.23 6.13 -16.32
C LYS C 119 -34.48 6.22 -14.81
N LYS D 28 25.61 -20.39 -31.63
CA LYS D 28 24.49 -19.68 -30.94
C LYS D 28 24.98 -18.44 -30.19
N THR D 29 24.91 -17.29 -30.86
CA THR D 29 25.31 -16.00 -30.27
C THR D 29 24.54 -15.73 -28.98
N ARG D 30 25.25 -15.28 -27.95
CA ARG D 30 24.67 -15.13 -26.60
C ARG D 30 23.76 -13.89 -26.50
N LYS D 31 22.45 -14.13 -26.34
CA LYS D 31 21.45 -13.07 -26.16
C LYS D 31 21.43 -12.59 -24.70
N GLU D 32 22.21 -11.54 -24.42
CA GLU D 32 22.32 -10.96 -23.06
C GLU D 32 21.04 -10.22 -22.66
N SER D 33 20.04 -11.01 -22.25
CA SER D 33 18.70 -10.52 -21.91
C SER D 33 18.58 -10.24 -20.44
N TYR D 34 17.82 -9.19 -20.09
CA TYR D 34 17.55 -8.84 -18.70
C TYR D 34 16.68 -9.88 -17.97
N ALA D 35 16.22 -10.92 -18.69
CA ALA D 35 15.43 -12.05 -18.15
C ALA D 35 15.72 -12.47 -16.70
N ILE D 36 16.97 -12.86 -16.46
CA ILE D 36 17.41 -13.24 -15.13
C ILE D 36 17.21 -12.02 -14.23
N TYR D 37 17.86 -10.90 -14.59
CA TYR D 37 17.83 -9.71 -13.75
C TYR D 37 16.40 -9.22 -13.55
N VAL D 38 15.62 -9.18 -14.62
CA VAL D 38 14.20 -8.85 -14.57
C VAL D 38 13.41 -9.75 -13.62
N TYR D 39 13.78 -11.03 -13.60
CA TYR D 39 13.19 -12.02 -12.68
C TYR D 39 13.57 -11.75 -11.23
N LYS D 40 14.88 -11.58 -11.01
CA LYS D 40 15.42 -11.37 -9.67
C LYS D 40 14.70 -10.25 -8.94
N VAL D 41 14.60 -9.07 -9.55
CA VAL D 41 13.95 -7.93 -8.90
C VAL D 41 12.47 -8.12 -8.62
N LEU D 42 11.84 -9.08 -9.31
CA LEU D 42 10.47 -9.50 -9.02
C LEU D 42 10.37 -10.10 -7.61
N LYS D 43 11.26 -11.04 -7.32
CA LYS D 43 11.30 -11.73 -6.01
C LYS D 43 11.28 -10.79 -4.79
N GLN D 44 12.12 -9.75 -4.82
CA GLN D 44 12.21 -8.78 -3.72
C GLN D 44 10.87 -8.07 -3.48
N VAL D 45 10.24 -7.66 -4.57
CA VAL D 45 8.94 -6.98 -4.49
C VAL D 45 7.81 -7.94 -4.21
N HIS D 46 7.86 -9.11 -4.84
CA HIS D 46 6.84 -10.13 -4.68
C HIS D 46 7.51 -11.49 -4.81
N PRO D 47 7.33 -12.39 -3.81
CA PRO D 47 8.04 -13.70 -3.85
C PRO D 47 7.35 -14.76 -4.72
N ASP D 48 6.04 -14.95 -4.50
CA ASP D 48 5.19 -15.77 -5.32
C ASP D 48 4.30 -14.83 -6.18
N THR D 49 4.35 -14.88 -7.52
CA THR D 49 5.32 -15.67 -8.31
C THR D 49 6.29 -14.72 -9.04
N GLY D 50 6.03 -14.27 -10.27
CA GLY D 50 4.92 -14.70 -11.14
C GLY D 50 4.81 -13.82 -12.38
N ILE D 51 4.95 -14.41 -13.56
CA ILE D 51 5.01 -13.65 -14.82
C ILE D 51 4.36 -14.42 -15.98
N SER D 52 4.47 -13.84 -17.18
CA SER D 52 4.11 -14.51 -18.44
C SER D 52 5.26 -14.33 -19.43
N SER D 53 5.23 -15.09 -20.53
CA SER D 53 6.29 -15.03 -21.55
C SER D 53 6.21 -13.72 -22.32
N LYS D 54 5.02 -13.42 -22.83
CA LYS D 54 4.74 -12.16 -23.51
C LYS D 54 5.14 -10.95 -22.64
N ALA D 55 4.77 -10.99 -21.36
CA ALA D 55 5.11 -9.93 -20.40
C ALA D 55 6.60 -9.93 -20.04
N MET D 56 7.16 -11.11 -19.79
CA MET D 56 8.58 -11.21 -19.47
C MET D 56 9.47 -10.77 -20.62
N SER D 57 8.86 -10.50 -21.79
CA SER D 57 9.46 -9.67 -22.83
C SER D 57 9.16 -8.18 -22.63
N ILE D 58 7.88 -7.90 -22.35
CA ILE D 58 7.43 -6.54 -22.02
C ILE D 58 8.30 -5.86 -20.98
N MET D 59 8.83 -6.63 -20.04
CA MET D 59 9.73 -6.09 -19.04
C MET D 59 11.04 -5.63 -19.69
N ASN D 60 11.61 -6.49 -20.53
CA ASN D 60 12.86 -6.15 -21.22
C ASN D 60 12.69 -4.88 -22.07
N SER D 61 11.49 -4.63 -22.63
CA SER D 61 11.18 -3.39 -23.36
C SER D 61 10.73 -2.17 -22.49
N PHE D 62 10.66 -2.36 -21.16
CA PHE D 62 10.62 -1.27 -20.17
C PHE D 62 12.03 -0.91 -19.74
N VAL D 63 12.86 -1.94 -19.56
CA VAL D 63 14.31 -1.77 -19.40
C VAL D 63 15.00 -1.21 -20.65
N ASN D 64 14.46 -1.50 -21.83
CA ASN D 64 15.05 -1.04 -23.08
C ASN D 64 14.81 0.47 -23.25
N ASP D 65 13.55 0.89 -23.27
CA ASP D 65 13.19 2.29 -23.52
C ASP D 65 13.76 3.28 -22.49
N VAL D 66 13.91 2.82 -21.23
CA VAL D 66 14.45 3.66 -20.16
C VAL D 66 15.96 3.82 -20.32
N PHE D 67 16.67 2.67 -20.41
CA PHE D 67 18.14 2.63 -20.59
C PHE D 67 18.54 3.48 -21.75
N GLU D 68 17.71 3.39 -22.78
CA GLU D 68 17.80 4.26 -23.92
C GLU D 68 17.44 5.74 -23.73
N ARG D 69 16.18 6.04 -23.44
CA ARG D 69 15.77 7.41 -23.29
C ARG D 69 16.69 8.15 -22.31
N ILE D 70 17.04 7.47 -21.20
CA ILE D 70 17.93 8.02 -20.17
C ILE D 70 19.33 8.42 -20.66
N ALA D 71 19.91 7.54 -21.47
CA ALA D 71 21.27 7.74 -22.01
C ALA D 71 21.45 8.98 -22.88
N GLY D 72 20.36 9.50 -23.48
CA GLY D 72 20.42 10.59 -24.49
C GLY D 72 20.14 11.98 -23.96
N GLU D 73 19.28 12.06 -22.95
CA GLU D 73 19.23 13.21 -22.08
C GLU D 73 20.44 13.19 -21.11
N ALA D 74 21.12 12.05 -21.02
CA ALA D 74 22.46 12.00 -20.46
C ALA D 74 23.52 12.46 -21.48
N SER D 75 23.46 11.91 -22.70
CA SER D 75 24.47 12.17 -23.73
C SER D 75 24.51 13.64 -24.08
N ARG D 76 23.35 14.15 -24.52
CA ARG D 76 23.19 15.55 -24.94
C ARG D 76 23.56 16.54 -23.83
N LEU D 77 23.13 16.22 -22.61
CA LEU D 77 23.48 16.99 -21.43
C LEU D 77 24.96 17.32 -21.46
N ALA D 78 25.77 16.30 -21.67
CA ALA D 78 27.21 16.44 -21.74
C ALA D 78 27.66 17.41 -22.84
N HIS D 79 26.99 17.32 -24.00
CA HIS D 79 27.26 18.21 -25.15
C HIS D 79 26.84 19.65 -24.90
N TYR D 80 25.61 19.84 -24.40
CA TYR D 80 25.11 21.18 -24.02
C TYR D 80 25.50 21.58 -22.59
N ASN D 81 26.43 20.85 -21.97
CA ASN D 81 27.23 21.37 -20.85
C ASN D 81 28.72 20.97 -20.99
N LYS D 82 29.18 20.82 -22.24
CA LYS D 82 30.60 20.65 -22.61
C LYS D 82 31.54 19.85 -21.70
N ARG D 83 31.25 18.56 -21.56
CA ARG D 83 32.10 17.65 -20.78
C ARG D 83 32.12 16.29 -21.46
N SER D 84 33.28 15.85 -21.94
CA SER D 84 33.37 14.61 -22.74
C SER D 84 33.38 13.31 -21.90
N THR D 85 32.47 13.18 -20.93
CA THR D 85 32.39 11.96 -20.09
C THR D 85 31.11 12.08 -19.24
N ILE D 86 30.24 11.08 -19.35
CA ILE D 86 28.97 11.02 -18.66
C ILE D 86 29.14 10.57 -17.22
N THR D 87 29.16 11.53 -16.31
CA THR D 87 29.19 11.25 -14.88
C THR D 87 27.79 10.97 -14.39
N SER D 88 27.70 10.60 -13.11
CA SER D 88 26.42 10.63 -12.40
C SER D 88 25.80 12.04 -12.52
N ARG D 89 26.67 13.05 -12.44
CA ARG D 89 26.33 14.47 -12.67
C ARG D 89 25.22 14.66 -13.69
N GLU D 90 25.38 14.01 -14.83
CA GLU D 90 24.36 14.01 -15.86
C GLU D 90 23.25 13.00 -15.52
N ILE D 91 23.65 11.74 -15.30
CA ILE D 91 22.71 10.58 -15.29
C ILE D 91 21.48 10.85 -14.46
N GLN D 92 21.71 11.37 -13.27
CA GLN D 92 20.64 11.78 -12.38
C GLN D 92 19.90 13.01 -12.91
N THR D 93 20.65 14.05 -13.31
CA THR D 93 20.06 15.30 -13.84
C THR D 93 18.99 14.98 -14.89
N ALA D 94 19.36 14.08 -15.80
CA ALA D 94 18.41 13.48 -16.74
C ALA D 94 17.32 12.76 -15.97
N VAL D 95 17.73 11.82 -15.14
CA VAL D 95 16.83 11.00 -14.31
C VAL D 95 15.73 11.80 -13.67
N ARG D 96 16.11 12.95 -13.11
CA ARG D 96 15.15 13.91 -12.60
C ARG D 96 14.38 14.50 -13.76
N LEU D 97 15.13 15.02 -14.74
CA LEU D 97 14.53 15.65 -15.91
C LEU D 97 13.68 14.73 -16.78
N LEU D 98 13.88 13.41 -16.65
CA LEU D 98 13.22 12.37 -17.46
C LEU D 98 12.06 11.64 -16.74
N LEU D 99 12.25 11.30 -15.46
CA LEU D 99 11.21 10.62 -14.68
C LEU D 99 10.08 11.60 -14.37
N PRO D 100 8.85 11.09 -14.22
CA PRO D 100 7.71 11.91 -13.77
C PRO D 100 7.82 12.31 -12.28
N GLY D 101 6.97 13.25 -11.85
CA GLY D 101 7.11 13.95 -10.55
C GLY D 101 7.50 13.39 -9.18
N GLU D 102 6.65 12.51 -8.66
CA GLU D 102 6.91 11.79 -7.38
C GLU D 102 7.87 10.62 -7.57
N LEU D 103 7.70 9.89 -8.67
CA LEU D 103 8.59 8.78 -9.04
C LEU D 103 10.04 9.20 -9.11
N ALA D 104 10.30 10.35 -9.73
CA ALA D 104 11.66 10.90 -9.90
C ALA D 104 12.39 11.03 -8.57
N LYS D 105 11.79 11.77 -7.64
CA LYS D 105 12.34 11.95 -6.29
C LYS D 105 12.60 10.62 -5.58
N HIS D 106 11.72 9.65 -5.83
CA HIS D 106 11.88 8.28 -5.33
C HIS D 106 13.16 7.63 -5.87
N ALA D 107 13.22 7.42 -7.18
CA ALA D 107 14.40 6.82 -7.81
C ALA D 107 15.63 7.72 -7.67
N VAL D 108 15.40 9.03 -7.67
CA VAL D 108 16.41 10.00 -7.29
C VAL D 108 16.95 9.70 -5.88
N SER D 109 16.05 9.32 -4.97
CA SER D 109 16.46 8.86 -3.65
C SER D 109 17.20 7.51 -3.72
N GLU D 110 16.63 6.55 -4.45
CA GLU D 110 17.23 5.19 -4.58
C GLU D 110 18.60 5.19 -5.23
N GLY D 111 18.82 6.13 -6.16
CA GLY D 111 20.15 6.39 -6.70
C GLY D 111 21.06 6.90 -5.60
N THR D 112 20.69 8.03 -5.02
CA THR D 112 21.38 8.60 -3.87
C THR D 112 21.89 7.48 -2.99
N LYS D 113 20.98 6.58 -2.62
CA LYS D 113 21.30 5.38 -1.85
C LYS D 113 22.39 4.55 -2.53
N ALA D 114 22.11 4.03 -3.73
CA ALA D 114 23.08 3.21 -4.45
C ALA D 114 24.36 3.98 -4.81
N VAL D 115 24.27 5.31 -4.79
CA VAL D 115 25.43 6.19 -4.88
C VAL D 115 26.27 6.14 -3.61
N THR D 116 25.62 6.31 -2.45
CA THR D 116 26.31 6.29 -1.14
C THR D 116 26.90 4.91 -0.77
N LYS D 117 26.20 3.83 -1.14
CA LYS D 117 26.66 2.47 -0.89
C LYS D 117 27.83 2.08 -1.78
N TYR D 118 27.80 2.50 -3.05
CA TYR D 118 28.90 2.28 -4.00
C TYR D 118 30.21 2.90 -3.52
N THR D 119 30.12 4.10 -2.93
CA THR D 119 31.26 4.81 -2.37
C THR D 119 31.77 4.19 -1.07
N SER D 120 30.86 3.66 -0.27
CA SER D 120 31.18 3.08 1.04
C SER D 120 31.63 1.60 1.02
N ALA D 121 31.99 1.07 -0.16
CA ALA D 121 32.46 -0.32 -0.29
C ALA D 121 33.95 -0.43 0.04
N LYS D 122 34.40 -1.68 0.20
CA LYS D 122 35.79 -1.98 0.59
C LYS D 122 36.76 -1.79 -0.57
N LYS G 24 -15.96 -30.32 -1.33
CA LYS G 24 -15.05 -30.23 -0.13
C LYS G 24 -13.57 -30.38 -0.53
N THR G 25 -13.14 -29.54 -1.46
CA THR G 25 -11.74 -29.50 -1.90
C THR G 25 -10.79 -28.96 -0.83
N HIS G 26 -11.29 -28.04 -0.01
CA HIS G 26 -10.50 -27.41 1.06
C HIS G 26 -10.35 -28.28 2.31
N ALA G 27 -11.16 -29.34 2.44
CA ALA G 27 -11.11 -30.23 3.61
C ALA G 27 -9.78 -30.98 3.68
N SER G 28 -9.45 -31.72 2.62
CA SER G 28 -8.16 -32.42 2.50
C SER G 28 -7.08 -31.40 2.11
N HIS G 29 -6.66 -30.62 3.11
CA HIS G 29 -5.73 -29.50 2.91
C HIS G 29 -5.17 -28.96 4.24
N ILE G 30 -6.06 -28.69 5.20
CA ILE G 30 -5.68 -28.16 6.53
C ILE G 30 -4.78 -29.10 7.35
N ILE G 31 -3.60 -28.62 7.75
CA ILE G 31 -2.59 -29.40 8.48
C ILE G 31 -2.23 -28.87 9.88
N ASN G 32 -2.84 -27.76 10.30
CA ASN G 32 -2.64 -27.21 11.66
C ASN G 32 -3.96 -26.76 12.26
N ALA G 33 -4.22 -27.17 13.50
CA ALA G 33 -5.52 -26.95 14.17
C ALA G 33 -5.39 -25.94 15.32
N GLN G 34 -6.54 -25.43 15.75
CA GLN G 34 -6.63 -24.55 16.92
C GLN G 34 -6.28 -25.35 18.18
N GLU G 35 -6.94 -26.50 18.32
CA GLU G 35 -6.66 -27.45 19.40
C GLU G 35 -5.17 -27.81 19.51
N ASP G 36 -4.52 -28.00 18.36
CA ASP G 36 -3.10 -28.36 18.31
C ASP G 36 -2.16 -27.26 18.81
N TYR G 37 -2.66 -26.02 18.91
CA TYR G 37 -1.93 -24.91 19.51
C TYR G 37 -2.49 -24.46 20.87
N LYS G 38 -3.26 -25.34 21.53
CA LYS G 38 -3.86 -25.03 22.85
C LYS G 38 -2.86 -25.13 24.01
N HIS G 39 -1.80 -25.92 23.81
CA HIS G 39 -0.77 -26.15 24.85
C HIS G 39 -0.03 -24.89 25.29
N MET G 40 0.26 -24.00 24.34
CA MET G 40 1.14 -22.84 24.58
C MET G 40 0.41 -21.50 24.67
N TYR G 41 -0.76 -21.48 25.32
CA TYR G 41 -1.54 -20.24 25.46
C TYR G 41 -2.45 -20.25 26.69
N LEU G 42 -3.57 -20.98 26.61
CA LEU G 42 -4.53 -21.08 27.71
C LEU G 42 -4.13 -22.19 28.68
N SER G 43 -4.68 -22.14 29.89
CA SER G 43 -4.38 -23.11 30.96
C SER G 43 -5.66 -23.64 31.62
N VAL G 44 -5.53 -24.30 32.76
CA VAL G 44 -6.66 -24.93 33.47
C VAL G 44 -7.25 -24.06 34.57
N GLN G 45 -6.48 -23.83 35.64
CA GLN G 45 -6.96 -23.12 36.84
C GLN G 45 -6.68 -21.61 36.75
N PRO G 46 -7.62 -20.77 37.24
CA PRO G 46 -7.44 -19.30 37.16
C PRO G 46 -6.28 -18.79 38.02
N LEU G 47 -5.16 -18.50 37.37
CA LEU G 47 -3.91 -18.13 38.04
C LEU G 47 -3.87 -16.65 38.43
N ASP G 48 -3.35 -16.36 39.62
CA ASP G 48 -3.07 -14.98 40.04
C ASP G 48 -1.85 -14.43 39.31
N ILE G 49 -2.00 -13.30 38.65
CA ILE G 49 -0.94 -12.71 37.82
C ILE G 49 0.16 -12.04 38.65
N PHE G 50 1.21 -11.61 37.96
CA PHE G 50 2.35 -10.90 38.59
C PHE G 50 3.03 -9.95 37.58
N CYS G 51 3.96 -9.15 38.08
CA CYS G 51 4.68 -8.14 37.28
C CYS G 51 6.13 -7.95 37.70
N TRP G 52 6.88 -7.17 36.92
CA TRP G 52 8.28 -6.89 37.19
C TRP G 52 8.80 -5.72 36.35
N GLY G 53 9.94 -5.18 36.76
CA GLY G 53 10.62 -4.11 36.00
C GLY G 53 10.01 -2.73 36.09
N THR G 54 10.69 -1.77 35.46
CA THR G 54 10.25 -0.38 35.42
C THR G 54 9.19 -0.15 34.33
N GLY G 55 7.92 -0.12 34.73
CA GLY G 55 6.81 0.17 33.83
C GLY G 55 6.53 1.66 33.75
N SER G 56 7.45 2.38 33.12
CA SER G 56 7.39 3.84 33.03
C SER G 56 6.16 4.38 32.29
N MET G 57 5.63 3.59 31.35
CA MET G 57 4.42 3.94 30.59
C MET G 57 3.13 3.42 31.24
N CYS G 58 3.08 3.37 32.57
CA CYS G 58 1.93 2.83 33.32
C CYS G 58 1.61 1.38 32.95
N GLU G 59 2.63 0.62 32.57
CA GLU G 59 2.49 -0.70 31.93
C GLU G 59 2.51 -1.88 32.91
N LEU G 60 3.12 -1.68 34.08
CA LEU G 60 3.15 -2.71 35.12
C LEU G 60 1.77 -3.06 35.70
N GLY G 61 0.83 -2.11 35.63
CA GLY G 61 -0.53 -2.33 36.11
C GLY G 61 -0.61 -2.21 37.62
N LEU G 62 -0.07 -1.10 38.13
CA LEU G 62 -0.04 -0.81 39.57
C LEU G 62 -0.58 0.59 39.88
N GLY G 63 -1.68 0.95 39.23
CA GLY G 63 -2.39 2.21 39.47
C GLY G 63 -1.65 3.47 39.03
N PRO G 64 -2.20 4.65 39.34
CA PRO G 64 -1.52 5.93 39.10
C PRO G 64 -0.31 6.24 40.02
N LEU G 65 -0.05 5.39 41.03
CA LEU G 65 1.00 5.66 42.02
C LEU G 65 2.40 5.65 41.42
N ALA G 66 3.16 6.72 41.69
CA ALA G 66 4.56 6.83 41.29
C ALA G 66 5.45 5.86 42.07
N LYS G 67 5.09 5.60 43.33
CA LYS G 67 5.77 4.61 44.17
C LYS G 67 5.51 3.17 43.70
N ASN G 68 4.33 2.93 43.14
CA ASN G 68 3.96 1.61 42.59
C ASN G 68 4.61 1.26 41.23
N LYS G 69 5.31 2.21 40.61
CA LYS G 69 6.02 1.98 39.34
C LYS G 69 7.30 1.16 39.53
N GLU G 70 8.14 1.58 40.47
CA GLU G 70 9.42 0.91 40.73
C GLU G 70 9.22 -0.48 41.32
N VAL G 71 10.14 -1.40 41.00
CA VAL G 71 10.04 -2.78 41.45
C VAL G 71 11.36 -3.54 41.23
N LYS G 72 12.11 -3.73 42.31
CA LYS G 72 13.37 -4.49 42.28
C LYS G 72 13.15 -6.00 42.08
N ARG G 73 11.99 -6.50 42.50
CA ARG G 73 11.69 -7.94 42.49
C ARG G 73 10.17 -8.19 42.40
N PRO G 74 9.73 -9.48 42.47
CA PRO G 74 8.35 -9.85 42.06
C PRO G 74 7.20 -9.37 42.97
N ARG G 75 5.97 -9.68 42.55
CA ARG G 75 4.74 -9.22 43.23
C ARG G 75 3.49 -10.00 42.80
N LEU G 76 2.31 -9.50 43.16
CA LEU G 76 1.02 -10.06 42.72
C LEU G 76 -0.06 -8.96 42.69
N ASN G 77 -1.00 -9.10 41.75
CA ASN G 77 -1.92 -8.01 41.41
C ASN G 77 -2.98 -7.71 42.48
N PRO G 78 -3.17 -6.43 42.84
CA PRO G 78 -4.26 -6.04 43.74
C PRO G 78 -5.61 -5.86 43.03
N PHE G 79 -5.62 -5.11 41.93
CA PHE G 79 -6.84 -4.87 41.14
C PHE G 79 -7.23 -6.10 40.29
N LEU G 80 -6.28 -7.02 40.09
CA LEU G 80 -6.53 -8.29 39.40
C LEU G 80 -6.23 -9.49 40.31
N PRO G 81 -7.18 -9.84 41.22
CA PRO G 81 -7.03 -11.09 41.97
C PRO G 81 -7.25 -12.32 41.09
N ARG G 82 -6.81 -13.48 41.56
CA ARG G 82 -6.95 -14.73 40.80
C ARG G 82 -8.40 -15.19 40.63
N ASP G 83 -9.23 -15.00 41.66
CA ASP G 83 -10.63 -15.44 41.66
C ASP G 83 -11.68 -14.36 41.40
N GLU G 84 -11.28 -13.08 41.51
CA GLU G 84 -12.15 -11.93 41.21
C GLU G 84 -12.12 -11.54 39.73
N ALA G 85 -10.98 -11.77 39.07
CA ALA G 85 -10.82 -11.54 37.62
C ALA G 85 -10.85 -12.83 36.77
N LYS G 86 -10.29 -13.92 37.30
CA LYS G 86 -10.23 -15.24 36.62
C LYS G 86 -9.29 -15.20 35.39
N ILE G 87 -8.07 -14.74 35.63
CA ILE G 87 -7.08 -14.52 34.56
C ILE G 87 -6.54 -15.84 34.00
N ILE G 88 -7.05 -16.22 32.83
CA ILE G 88 -6.68 -17.48 32.17
C ILE G 88 -5.54 -17.29 31.14
N SER G 89 -5.70 -16.30 30.26
CA SER G 89 -4.75 -16.02 29.16
C SER G 89 -4.22 -14.59 29.18
N PHE G 90 -2.90 -14.46 29.13
CA PHE G 90 -2.20 -13.16 29.20
C PHE G 90 -1.69 -12.70 27.82
N ALA G 91 -1.05 -11.53 27.79
CA ALA G 91 -0.43 -10.97 26.58
C ALA G 91 0.69 -9.98 26.92
N VAL G 92 1.94 -10.39 26.69
CA VAL G 92 3.11 -9.54 26.95
C VAL G 92 3.32 -8.50 25.84
N GLY G 93 4.21 -7.55 26.09
CA GLY G 93 4.47 -6.46 25.14
C GLY G 93 5.17 -5.26 25.79
N GLY G 94 5.74 -4.39 24.95
CA GLY G 94 6.49 -3.22 25.42
C GLY G 94 5.66 -2.24 26.20
N MET G 95 4.76 -1.54 25.51
CA MET G 95 3.77 -0.66 26.12
C MET G 95 2.37 -1.19 25.80
N HIS G 96 2.17 -2.47 26.12
CA HIS G 96 0.88 -3.14 25.93
C HIS G 96 0.88 -4.47 26.69
N THR G 97 0.06 -4.55 27.75
CA THR G 97 -0.09 -5.78 28.56
C THR G 97 -1.56 -6.08 28.82
N LEU G 98 -2.11 -7.02 28.03
CA LEU G 98 -3.55 -7.35 28.04
C LEU G 98 -3.80 -8.80 28.42
N ALA G 99 -5.08 -9.17 28.56
CA ALA G 99 -5.47 -10.52 28.95
C ALA G 99 -6.89 -10.90 28.51
N LEU G 100 -7.16 -12.21 28.45
CA LEU G 100 -8.47 -12.75 28.11
C LEU G 100 -8.80 -13.97 28.97
N ASP G 101 -9.79 -13.84 29.85
CA ASP G 101 -10.25 -14.93 30.70
C ASP G 101 -10.99 -16.02 29.92
N GLU G 102 -11.40 -17.07 30.63
CA GLU G 102 -12.23 -18.13 30.05
C GLU G 102 -13.69 -17.70 29.85
N GLU G 103 -14.11 -16.64 30.55
CA GLU G 103 -15.46 -16.04 30.41
C GLU G 103 -15.94 -15.81 28.97
N SER G 104 -15.22 -15.05 28.13
CA SER G 104 -13.95 -14.40 28.45
C SER G 104 -14.06 -12.91 28.72
N ASN G 105 -12.91 -12.24 28.70
CA ASN G 105 -12.79 -10.82 29.01
C ASN G 105 -11.74 -10.16 28.11
N VAL G 106 -11.52 -8.86 28.33
CA VAL G 106 -10.53 -8.09 27.56
C VAL G 106 -9.77 -7.11 28.47
N TRP G 107 -8.97 -7.66 29.38
CA TRP G 107 -8.17 -6.84 30.30
C TRP G 107 -7.13 -6.03 29.52
N SER G 108 -6.86 -4.82 30.00
CA SER G 108 -6.03 -3.86 29.28
C SER G 108 -5.12 -3.08 30.22
N TRP G 109 -3.81 -3.31 30.12
CA TRP G 109 -2.80 -2.61 30.93
C TRP G 109 -1.63 -2.16 30.04
N GLY G 110 -1.76 -0.98 29.45
CA GLY G 110 -0.73 -0.46 28.53
C GLY G 110 -0.84 1.03 28.22
N CYS G 111 0.19 1.57 27.55
CA CYS G 111 0.26 2.99 27.22
C CYS G 111 -0.74 3.37 26.13
N ASN G 112 -1.93 3.83 26.55
CA ASN G 112 -3.02 4.17 25.63
C ASN G 112 -2.76 5.49 24.89
N ASP G 113 -1.82 5.43 23.94
CA ASP G 113 -1.41 6.58 23.13
C ASP G 113 -1.66 6.31 21.65
N VAL G 114 -1.18 5.16 21.16
CA VAL G 114 -1.50 4.66 19.83
C VAL G 114 -2.80 3.83 19.79
N GLY G 115 -3.69 4.01 20.77
CA GLY G 115 -4.87 3.16 20.92
C GLY G 115 -4.56 1.77 21.44
N ALA G 116 -3.47 1.64 22.20
CA ALA G 116 -2.96 0.34 22.67
C ALA G 116 -3.80 -0.27 23.78
N LEU G 117 -4.53 0.58 24.52
CA LEU G 117 -5.49 0.12 25.52
C LEU G 117 -6.68 -0.58 24.85
N GLY G 118 -7.26 0.08 23.85
CA GLY G 118 -8.45 -0.40 23.16
C GLY G 118 -9.75 0.07 23.82
N ARG G 119 -9.72 1.30 24.34
CA ARG G 119 -10.84 1.86 25.12
C ARG G 119 -10.58 3.33 25.46
N ASP G 120 -11.48 3.93 26.27
CA ASP G 120 -11.35 5.31 26.72
C ASP G 120 -10.99 5.37 28.21
N THR G 121 -9.82 5.95 28.53
CA THR G 121 -9.36 6.08 29.91
C THR G 121 -8.48 7.32 30.06
N GLU G 146 -2.99 7.17 36.15
CA GLU G 146 -4.30 7.30 35.51
C GLU G 146 -5.06 5.97 35.50
N LEU G 147 -6.25 5.97 34.90
CA LEU G 147 -6.98 4.73 34.60
C LEU G 147 -6.28 3.89 33.53
N GLU G 148 -5.35 4.49 32.77
CA GLU G 148 -4.46 3.78 31.85
C GLU G 148 -3.51 2.78 32.55
N SER G 149 -3.21 3.00 33.83
CA SER G 149 -2.44 2.06 34.65
C SER G 149 -3.31 1.29 35.67
N THR G 150 -4.61 1.15 35.37
CA THR G 150 -5.55 0.45 36.23
C THR G 150 -6.22 -0.66 35.40
N PRO G 151 -5.76 -1.94 35.55
CA PRO G 151 -6.26 -3.07 34.75
C PRO G 151 -7.78 -3.22 34.70
N ALA G 152 -8.37 -2.93 33.53
CA ALA G 152 -9.82 -2.89 33.35
C ALA G 152 -10.25 -3.75 32.17
N LYS G 153 -11.35 -4.47 32.34
CA LYS G 153 -11.90 -5.34 31.30
C LYS G 153 -12.66 -4.51 30.26
N ILE G 154 -12.25 -4.62 28.99
CA ILE G 154 -12.93 -3.94 27.89
C ILE G 154 -14.31 -4.55 27.66
N PRO G 155 -15.34 -3.70 27.44
CA PRO G 155 -16.73 -4.18 27.39
C PRO G 155 -17.01 -5.22 26.30
N ARG G 156 -18.02 -6.04 26.54
CA ARG G 156 -18.40 -7.14 25.63
C ARG G 156 -19.06 -6.68 24.33
N GLU G 157 -19.59 -5.46 24.30
CA GLU G 157 -20.19 -4.89 23.08
C GLU G 157 -19.17 -4.55 21.99
N SER G 158 -17.89 -4.41 22.36
CA SER G 158 -16.81 -4.09 21.42
C SER G 158 -16.61 -5.17 20.35
N PHE G 159 -16.38 -6.40 20.81
CA PHE G 159 -16.24 -7.56 19.94
C PHE G 159 -17.57 -8.32 19.93
N PRO G 160 -18.23 -8.45 18.75
CA PRO G 160 -19.47 -9.22 18.64
C PRO G 160 -19.38 -10.70 18.19
N PRO G 161 -18.18 -11.35 18.26
CA PRO G 161 -18.24 -12.82 18.23
C PRO G 161 -18.51 -13.44 19.62
N LEU G 162 -18.19 -12.73 20.70
CA LEU G 162 -18.61 -13.13 22.07
C LEU G 162 -20.12 -13.02 22.27
N ALA G 163 -20.80 -12.23 21.42
CA ALA G 163 -22.27 -12.23 21.29
C ALA G 163 -22.76 -13.14 20.14
N GLU G 164 -21.99 -14.18 19.82
CA GLU G 164 -22.33 -15.14 18.76
C GLU G 164 -21.56 -16.47 18.85
N GLY G 165 -21.38 -16.97 20.08
CA GLY G 165 -20.78 -18.29 20.31
C GLY G 165 -19.37 -18.47 19.81
N HIS G 166 -18.42 -17.83 20.50
CA HIS G 166 -16.99 -17.99 20.22
C HIS G 166 -16.13 -17.35 21.31
N LYS G 167 -14.87 -17.79 21.38
CA LYS G 167 -13.89 -17.29 22.36
C LYS G 167 -12.54 -17.01 21.71
N VAL G 168 -11.69 -16.24 22.41
CA VAL G 168 -10.37 -15.84 21.90
C VAL G 168 -9.34 -16.94 22.12
N VAL G 169 -8.62 -17.32 21.06
CA VAL G 169 -7.60 -18.38 21.12
C VAL G 169 -6.29 -17.92 21.78
N GLN G 170 -5.89 -16.68 21.49
CA GLN G 170 -4.70 -16.07 22.08
C GLN G 170 -4.79 -14.55 21.99
N LEU G 171 -3.99 -13.85 22.80
CA LEU G 171 -3.96 -12.39 22.82
C LEU G 171 -2.64 -11.89 22.23
N ALA G 172 -2.73 -11.18 21.09
CA ALA G 172 -1.57 -10.67 20.36
C ALA G 172 -1.30 -9.20 20.70
N ALA G 173 -0.02 -8.86 20.89
CA ALA G 173 0.40 -7.51 21.24
C ALA G 173 1.78 -7.17 20.66
N THR G 174 1.77 -6.32 19.63
CA THR G 174 2.99 -5.79 19.03
C THR G 174 3.48 -4.59 19.82
N ASP G 175 4.48 -3.88 19.29
CA ASP G 175 5.00 -2.65 19.92
C ASP G 175 3.90 -1.60 20.21
N ASN G 176 2.94 -1.48 19.30
CA ASN G 176 1.71 -0.73 19.55
C ASN G 176 0.49 -1.32 18.80
N MET G 177 0.50 -2.64 18.59
CA MET G 177 -0.54 -3.33 17.83
C MET G 177 -1.37 -4.22 18.73
N SER G 178 -2.51 -4.64 18.19
CA SER G 178 -3.38 -5.60 18.88
C SER G 178 -4.27 -6.31 17.87
N CYS G 179 -4.53 -7.60 18.14
CA CYS G 179 -5.43 -8.41 17.32
C CYS G 179 -5.71 -9.72 18.04
N ALA G 180 -6.90 -10.27 17.82
CA ALA G 180 -7.35 -11.47 18.52
C ALA G 180 -7.89 -12.50 17.54
N LEU G 181 -7.15 -13.60 17.38
CA LEU G 181 -7.56 -14.70 16.53
C LEU G 181 -8.75 -15.43 17.15
N PHE G 182 -9.96 -15.03 16.75
CA PHE G 182 -11.20 -15.64 17.25
C PHE G 182 -11.38 -17.06 16.70
N SER G 183 -12.13 -17.88 17.45
CA SER G 183 -12.31 -19.30 17.14
C SER G 183 -13.14 -19.56 15.89
N ASN G 184 -14.19 -18.76 15.69
CA ASN G 184 -15.04 -18.83 14.49
C ASN G 184 -14.25 -18.76 13.18
N GLY G 185 -13.24 -17.87 13.13
CA GLY G 185 -12.40 -17.69 11.96
C GLY G 185 -11.90 -16.27 11.80
N GLU G 186 -12.78 -15.30 12.06
CA GLU G 186 -12.45 -13.88 11.92
C GLU G 186 -11.46 -13.43 12.99
N VAL G 187 -10.66 -12.42 12.68
CA VAL G 187 -9.60 -11.91 13.56
C VAL G 187 -9.88 -10.48 13.98
N TYR G 188 -9.88 -10.24 15.30
CA TYR G 188 -10.09 -8.89 15.85
C TYR G 188 -8.85 -8.01 15.65
N ALA G 189 -8.97 -6.74 16.03
CA ALA G 189 -7.85 -5.80 15.90
C ALA G 189 -7.94 -4.64 16.89
N TRP G 190 -6.81 -3.98 17.08
CA TRP G 190 -6.68 -2.80 17.94
C TRP G 190 -5.28 -2.17 17.81
N GLY G 191 -5.17 -0.88 18.14
CA GLY G 191 -3.89 -0.17 18.09
C GLY G 191 -3.46 0.27 16.70
N THR G 192 -2.16 0.56 16.56
CA THR G 192 -1.57 1.01 15.30
C THR G 192 -0.04 0.87 15.34
N PHE G 193 0.54 0.25 14.32
CA PHE G 193 1.98 -0.09 14.31
C PHE G 193 2.86 1.13 14.04
N ARG G 194 4.07 1.13 14.62
CA ARG G 194 5.06 2.22 14.44
C ARG G 194 6.04 1.85 13.32
N CYS G 195 6.08 2.68 12.28
CA CYS G 195 6.83 2.37 11.05
C CYS G 195 8.36 2.49 11.18
N ASN G 196 9.04 2.00 10.14
CA ASN G 196 10.51 2.06 10.05
C ASN G 196 11.03 3.48 9.95
N GLU G 197 10.36 4.29 9.14
CA GLU G 197 10.56 5.74 9.13
C GLU G 197 10.09 6.35 10.47
N GLY G 198 8.93 5.93 10.94
CA GLY G 198 8.40 6.29 12.28
C GLY G 198 7.13 7.11 12.25
N ILE G 199 6.02 6.49 11.84
CA ILE G 199 4.70 7.14 11.75
C ILE G 199 3.54 6.16 11.96
N LEU G 200 2.32 6.68 11.86
CA LEU G 200 1.10 5.97 12.24
C LEU G 200 0.34 5.34 11.08
N GLY G 201 0.07 4.04 11.16
CA GLY G 201 -0.77 3.32 10.19
C GLY G 201 -1.46 2.09 10.76
N PHE G 202 -2.74 1.90 10.41
CA PHE G 202 -3.57 0.79 10.91
C PHE G 202 -3.94 -0.18 9.79
N TYR G 203 -4.81 0.26 8.87
CA TYR G 203 -5.24 -0.56 7.72
C TYR G 203 -4.93 0.18 6.42
N GLN G 204 -3.64 0.22 6.10
CA GLN G 204 -3.08 0.88 4.90
C GLN G 204 -3.49 2.34 5.10
N ASP G 205 -4.27 2.89 4.17
CA ASP G 205 -4.65 4.30 4.16
C ASP G 205 -6.13 4.55 4.49
N LYS G 206 -6.88 3.50 4.81
CA LYS G 206 -8.28 3.65 5.23
C LYS G 206 -8.42 3.76 6.76
N ILE G 207 -7.32 3.60 7.49
CA ILE G 207 -7.33 3.74 8.95
C ILE G 207 -5.90 3.88 9.46
N LYS G 208 -5.69 4.81 10.41
CA LYS G 208 -4.34 5.13 10.91
C LYS G 208 -4.14 4.67 12.34
N ILE G 209 -5.01 5.14 13.24
CA ILE G 209 -5.03 4.70 14.64
C ILE G 209 -6.34 3.96 14.89
N GLN G 210 -6.24 2.68 15.26
CA GLN G 210 -7.41 1.83 15.52
C GLN G 210 -7.58 1.59 17.02
N LYS G 211 -8.00 2.63 17.74
CA LYS G 211 -8.25 2.54 19.19
C LYS G 211 -9.45 1.65 19.49
N THR G 212 -10.56 1.88 18.77
CA THR G 212 -11.75 1.05 18.89
C THR G 212 -11.47 -0.34 18.28
N PRO G 213 -11.69 -1.41 19.07
CA PRO G 213 -11.38 -2.75 18.57
C PRO G 213 -12.40 -3.29 17.57
N TRP G 214 -11.92 -3.61 16.37
CA TRP G 214 -12.79 -4.03 15.27
C TRP G 214 -12.27 -5.30 14.64
N LYS G 215 -13.18 -6.07 14.04
CA LYS G 215 -12.81 -7.26 13.28
C LYS G 215 -12.06 -6.86 12.01
N VAL G 216 -11.16 -7.74 11.58
CA VAL G 216 -10.46 -7.60 10.31
C VAL G 216 -11.14 -8.48 9.26
N PRO G 217 -11.28 -7.98 8.00
CA PRO G 217 -11.99 -8.74 6.96
C PRO G 217 -11.23 -9.96 6.42
N THR G 218 -11.87 -10.67 5.48
CA THR G 218 -11.37 -11.94 4.93
C THR G 218 -9.96 -11.88 4.34
N PHE G 219 -9.02 -12.57 4.98
CA PHE G 219 -7.66 -12.70 4.50
C PHE G 219 -7.26 -14.17 4.62
N SER G 220 -7.35 -14.88 3.49
CA SER G 220 -7.15 -16.34 3.41
C SER G 220 -8.41 -17.10 3.86
N LYS G 221 -8.97 -17.89 2.95
CA LYS G 221 -10.22 -18.62 3.18
C LYS G 221 -10.16 -19.61 4.35
N TYR G 222 -9.04 -20.33 4.45
CA TYR G 222 -8.81 -21.24 5.58
C TYR G 222 -8.63 -20.44 6.88
N ASN G 223 -9.31 -20.89 7.94
CA ASN G 223 -9.31 -20.17 9.21
C ASN G 223 -7.91 -20.05 9.81
N ILE G 224 -7.57 -18.86 10.32
CA ILE G 224 -6.24 -18.57 10.84
C ILE G 224 -6.02 -19.18 12.23
N VAL G 225 -5.05 -20.10 12.35
CA VAL G 225 -4.85 -20.88 13.58
C VAL G 225 -4.29 -20.14 14.79
N GLN G 226 -3.01 -19.77 14.73
CA GLN G 226 -2.32 -19.05 15.81
C GLN G 226 -2.00 -17.63 15.37
N LEU G 227 -1.24 -16.92 16.21
CA LEU G 227 -0.73 -15.57 15.92
C LEU G 227 0.80 -15.54 16.08
N ALA G 228 1.40 -14.36 15.90
CA ALA G 228 2.87 -14.19 16.03
C ALA G 228 3.24 -12.72 16.22
N PRO G 229 3.36 -12.27 17.48
CA PRO G 229 3.59 -10.85 17.79
C PRO G 229 5.04 -10.41 17.61
N GLY G 230 5.35 -9.17 17.98
CA GLY G 230 6.72 -8.65 18.01
C GLY G 230 6.97 -7.60 16.94
N LYS G 231 7.51 -6.45 17.37
CA LYS G 231 7.71 -5.25 16.53
C LYS G 231 6.36 -4.66 16.13
N ASP G 232 6.30 -3.97 14.98
CA ASP G 232 5.02 -3.61 14.34
C ASP G 232 4.64 -4.66 13.28
N HIS G 233 5.07 -5.91 13.50
CA HIS G 233 5.20 -6.93 12.45
C HIS G 233 4.32 -8.16 12.72
N ILE G 234 2.99 -7.97 12.68
CA ILE G 234 2.02 -9.05 12.94
C ILE G 234 1.94 -10.04 11.77
N LEU G 235 1.98 -11.34 12.08
CA LEU G 235 2.25 -12.39 11.09
C LEU G 235 1.44 -13.67 11.33
N PHE G 236 0.15 -13.63 10.95
CA PHE G 236 -0.77 -14.76 11.17
C PHE G 236 -0.40 -16.06 10.41
N LEU G 237 -1.14 -17.15 10.69
CA LEU G 237 -0.95 -18.47 10.03
C LEU G 237 -2.29 -19.12 9.69
N ASP G 238 -2.52 -19.38 8.41
CA ASP G 238 -3.79 -19.94 7.92
C ASP G 238 -3.94 -21.41 8.30
N GLU G 239 -5.15 -21.93 8.14
CA GLU G 239 -5.42 -23.37 8.35
C GLU G 239 -4.64 -24.26 7.37
N GLU G 240 -4.51 -23.79 6.12
CA GLU G 240 -3.75 -24.48 5.06
C GLU G 240 -2.24 -24.55 5.34
N GLY G 241 -1.75 -23.58 6.12
CA GLY G 241 -0.32 -23.40 6.38
C GLY G 241 0.27 -22.32 5.49
N MET G 242 -0.51 -21.27 5.24
CA MET G 242 -0.08 -20.14 4.42
C MET G 242 0.36 -19.00 5.34
N VAL G 243 1.68 -18.86 5.51
CA VAL G 243 2.26 -17.84 6.39
C VAL G 243 1.83 -16.49 5.82
N PHE G 244 0.76 -15.93 6.39
CA PHE G 244 0.29 -14.58 6.09
C PHE G 244 1.12 -13.52 6.84
N ALA G 245 0.89 -12.24 6.55
CA ALA G 245 1.72 -11.12 7.05
C ALA G 245 1.11 -9.72 6.82
N TRP G 246 0.85 -8.99 7.91
CA TRP G 246 0.38 -7.59 7.87
C TRP G 246 1.39 -6.66 8.51
N GLY G 247 1.08 -5.37 8.50
CA GLY G 247 1.98 -4.33 9.03
C GLY G 247 3.08 -4.00 8.03
N ASN G 248 4.30 -3.82 8.55
CA ASN G 248 5.49 -3.62 7.71
C ASN G 248 6.25 -4.94 7.48
N GLY G 249 6.92 -5.45 8.51
CA GLY G 249 7.83 -6.60 8.37
C GLY G 249 9.16 -6.20 7.72
N GLN G 250 9.55 -4.95 7.97
CA GLN G 250 10.63 -4.26 7.24
C GLN G 250 11.96 -4.99 7.30
N GLN G 251 12.43 -5.22 8.52
CA GLN G 251 13.79 -5.68 8.79
C GLN G 251 14.79 -4.59 8.39
N MET G 259 7.06 -8.15 1.63
CA MET G 259 8.49 -8.32 1.35
C MET G 259 9.22 -6.97 1.22
N GLU G 260 8.79 -6.14 0.26
CA GLU G 260 9.39 -4.81 0.05
C GLU G 260 8.48 -3.96 -0.85
N ARG G 261 8.31 -2.69 -0.50
CA ARG G 261 7.51 -1.73 -1.30
C ARG G 261 7.59 -0.28 -0.78
N PHE G 262 6.80 0.62 -1.40
CA PHE G 262 6.67 2.00 -0.95
C PHE G 262 5.28 2.59 -1.25
N ARG G 263 5.02 3.75 -0.66
CA ARG G 263 3.73 4.44 -0.76
C ARG G 263 2.57 3.59 -0.20
N LEU G 264 2.76 3.05 1.02
CA LEU G 264 1.76 2.24 1.75
C LEU G 264 1.10 1.06 0.98
N LYS G 265 -0.23 0.93 1.05
CA LYS G 265 -0.98 -0.09 0.28
C LYS G 265 -0.61 -1.56 0.62
N THR G 266 0.28 -1.75 1.59
CA THR G 266 0.71 -3.08 2.04
C THR G 266 0.09 -3.47 3.38
N LEU G 267 -0.18 -2.48 4.24
CA LEU G 267 -0.84 -2.72 5.52
C LEU G 267 -2.31 -3.02 5.30
N ASP G 268 -2.72 -4.27 5.57
CA ASP G 268 -4.12 -4.76 5.42
C ASP G 268 -4.08 -6.22 4.92
N PRO G 269 -3.36 -6.46 3.81
CA PRO G 269 -2.83 -7.79 3.48
C PRO G 269 -2.07 -8.46 4.65
N ARG G 270 -1.80 -9.77 4.66
CA ARG G 270 -2.04 -10.81 3.63
C ARG G 270 -0.73 -11.58 3.40
N PRO G 271 -0.67 -12.49 2.40
CA PRO G 271 0.48 -13.37 2.30
C PRO G 271 1.67 -12.64 1.63
N PHE G 272 2.83 -13.26 1.37
CA PHE G 272 3.04 -14.71 1.37
C PHE G 272 4.48 -15.17 1.67
N GLY G 273 4.75 -16.43 1.35
CA GLY G 273 6.01 -17.09 1.63
C GLY G 273 5.70 -18.47 2.20
N LEU G 274 6.75 -19.20 2.58
CA LEU G 274 6.62 -20.52 3.25
C LEU G 274 5.88 -21.57 2.39
N ARG G 275 5.47 -22.68 3.02
CA ARG G 275 4.75 -23.75 2.34
C ARG G 275 3.54 -24.23 3.15
N HIS G 276 3.81 -24.81 4.32
CA HIS G 276 2.77 -25.36 5.19
C HIS G 276 3.21 -25.31 6.64
N VAL G 277 3.55 -24.11 7.11
CA VAL G 277 4.13 -23.94 8.44
C VAL G 277 3.14 -24.22 9.56
N LYS G 278 3.59 -24.98 10.56
CA LYS G 278 2.77 -25.33 11.73
C LYS G 278 2.94 -24.29 12.86
N TYR G 279 4.18 -23.88 13.12
CA TYR G 279 4.49 -22.82 14.10
C TYR G 279 4.98 -21.55 13.40
N ILE G 280 4.28 -20.44 13.61
CA ILE G 280 4.72 -19.10 13.24
C ILE G 280 5.06 -18.38 14.55
N ALA G 281 6.34 -18.05 14.75
CA ALA G 281 6.87 -17.62 16.05
C ALA G 281 7.73 -16.36 15.94
N SER G 282 7.09 -15.20 16.10
CA SER G 282 7.71 -13.93 15.76
C SER G 282 8.26 -13.23 16.97
N GLY G 283 9.51 -12.76 16.85
CA GLY G 283 10.10 -11.82 17.80
C GLY G 283 9.94 -10.42 17.26
N GLU G 284 10.73 -9.48 17.79
CA GLU G 284 10.69 -8.09 17.34
C GLU G 284 11.07 -7.78 15.90
N ASN G 285 12.36 -7.87 15.58
CA ASN G 285 12.83 -7.80 14.18
C ASN G 285 13.49 -9.11 13.72
N HIS G 286 12.97 -10.23 14.21
CA HIS G 286 13.38 -11.58 13.80
C HIS G 286 12.13 -12.46 13.67
N CYS G 287 11.97 -13.12 12.53
CA CYS G 287 10.84 -14.03 12.26
C CYS G 287 11.28 -15.49 12.40
N PHE G 288 10.31 -16.37 12.67
CA PHE G 288 10.55 -17.81 12.82
C PHE G 288 9.41 -18.62 12.20
N ALA G 289 9.78 -19.65 11.44
CA ALA G 289 8.83 -20.50 10.75
C ALA G 289 9.33 -21.94 10.66
N LEU G 290 8.39 -22.87 10.55
CA LEU G 290 8.70 -24.29 10.46
C LEU G 290 7.64 -25.01 9.65
N THR G 291 8.06 -25.60 8.53
CA THR G 291 7.17 -26.30 7.61
C THR G 291 6.74 -27.63 8.21
N LYS G 292 5.47 -27.97 7.98
CA LYS G 292 4.90 -29.26 8.39
C LYS G 292 5.78 -30.43 7.94
N ASP G 293 6.48 -30.26 6.83
CA ASP G 293 7.56 -31.13 6.44
C ASP G 293 8.84 -30.77 7.19
N ASN G 294 8.79 -30.91 8.54
CA ASN G 294 9.92 -30.75 9.46
C ASN G 294 11.08 -29.87 9.00
N LYS G 295 10.75 -28.62 8.68
CA LYS G 295 11.72 -27.63 8.22
C LYS G 295 11.84 -26.52 9.25
N LEU G 296 12.99 -25.85 9.28
CA LEU G 296 13.28 -24.79 10.24
C LEU G 296 13.81 -23.55 9.53
N VAL G 297 12.97 -22.53 9.45
CA VAL G 297 13.27 -21.28 8.72
C VAL G 297 13.16 -20.05 9.61
N SER G 298 13.84 -18.97 9.20
CA SER G 298 13.86 -17.70 9.93
C SER G 298 14.37 -16.56 9.03
N TRP G 299 13.46 -15.67 8.62
CA TRP G 299 13.74 -14.62 7.64
C TRP G 299 13.46 -13.23 8.22
N GLY G 300 14.50 -12.60 8.74
CA GLY G 300 14.39 -11.23 9.26
C GLY G 300 15.72 -10.49 9.36
N LEU G 301 15.72 -9.43 10.17
CA LEU G 301 16.88 -8.54 10.34
C LEU G 301 18.04 -9.20 11.09
N ASN G 302 18.85 -9.95 10.36
CA ASN G 302 19.99 -10.69 10.95
C ASN G 302 21.22 -9.81 11.17
N GLN G 303 21.03 -8.71 11.90
CA GLN G 303 22.13 -7.80 12.26
C GLN G 303 23.08 -8.49 13.22
N PHE G 304 22.51 -9.17 14.21
CA PHE G 304 23.24 -9.98 15.19
C PHE G 304 22.75 -11.43 15.18
N GLY G 305 22.74 -12.03 13.98
CA GLY G 305 22.40 -13.45 13.79
C GLY G 305 21.08 -13.91 14.39
N GLN G 306 20.07 -13.05 14.35
CA GLN G 306 18.78 -13.32 15.03
C GLN G 306 17.93 -14.41 14.37
N CYS G 307 18.32 -14.88 13.18
CA CYS G 307 17.70 -16.02 12.50
C CYS G 307 18.56 -17.31 12.52
N GLY G 308 19.83 -17.22 12.91
CA GLY G 308 20.70 -18.39 13.06
C GLY G 308 21.02 -19.14 11.77
N VAL G 309 20.99 -18.43 10.64
CA VAL G 309 21.25 -19.00 9.32
C VAL G 309 22.52 -18.44 8.66
N SER G 310 23.46 -17.97 9.49
CA SER G 310 24.67 -17.32 9.01
C SER G 310 25.84 -17.60 9.95
N GLU G 311 26.79 -18.41 9.47
CA GLU G 311 28.06 -18.63 10.17
C GLU G 311 28.87 -17.32 10.30
N ASP G 312 28.65 -16.40 9.36
CA ASP G 312 29.12 -15.02 9.46
C ASP G 312 28.07 -14.14 10.15
N VAL G 313 28.52 -13.02 10.71
CA VAL G 313 27.65 -12.09 11.44
C VAL G 313 26.84 -11.23 10.48
N LEU G 318 20.84 -8.69 5.91
CA LEU G 318 19.48 -9.08 6.27
C LEU G 318 18.98 -10.26 5.43
N VAL G 319 17.98 -10.96 5.97
CA VAL G 319 17.45 -12.17 5.34
C VAL G 319 16.63 -11.85 4.09
N THR G 320 16.96 -12.51 2.98
CA THR G 320 16.29 -12.31 1.70
C THR G 320 15.12 -13.27 1.55
N LYS G 321 15.44 -14.57 1.57
CA LYS G 321 14.45 -15.66 1.50
C LYS G 321 14.77 -16.71 2.57
N PRO G 322 13.76 -17.13 3.37
CA PRO G 322 13.96 -17.94 4.58
C PRO G 322 14.94 -19.12 4.49
N LYS G 323 15.99 -19.05 5.29
CA LYS G 323 16.81 -20.21 5.64
C LYS G 323 17.11 -20.07 7.14
N ARG G 324 17.37 -21.18 7.83
CA ARG G 324 17.72 -21.13 9.26
C ARG G 324 18.52 -22.31 9.83
N LEU G 325 17.85 -23.41 10.16
CA LEU G 325 18.41 -24.40 11.10
C LEU G 325 18.94 -25.69 10.48
N ALA G 326 20.06 -26.16 11.02
CA ALA G 326 20.68 -27.44 10.65
C ALA G 326 20.55 -28.43 11.82
N LEU G 327 19.44 -29.16 11.86
CA LEU G 327 19.15 -30.12 12.94
C LEU G 327 19.91 -31.43 12.72
N PRO G 328 20.86 -31.77 13.62
CA PRO G 328 21.62 -33.02 13.48
C PRO G 328 20.88 -34.22 14.07
N ASP G 329 20.92 -35.34 13.37
CA ASP G 329 20.28 -36.60 13.79
C ASP G 329 18.75 -36.50 13.86
N ASN G 330 18.24 -35.89 14.94
CA ASN G 330 16.80 -35.73 15.15
C ASN G 330 16.49 -34.81 16.32
N VAL G 331 15.31 -34.20 16.27
CA VAL G 331 14.85 -33.27 17.31
C VAL G 331 13.43 -32.79 17.01
N VAL G 332 12.72 -32.37 18.05
CA VAL G 332 11.39 -31.78 17.91
C VAL G 332 11.32 -30.51 18.76
N ILE G 333 11.20 -29.36 18.10
CA ILE G 333 11.14 -28.07 18.79
C ILE G 333 9.77 -27.87 19.43
N ARG G 334 9.73 -27.89 20.77
CA ARG G 334 8.48 -27.73 21.51
C ARG G 334 7.92 -26.32 21.37
N SER G 335 8.79 -25.32 21.50
CA SER G 335 8.40 -23.92 21.33
C SER G 335 9.58 -23.02 20.96
N ILE G 336 9.28 -21.74 20.72
CA ILE G 336 10.30 -20.73 20.47
C ILE G 336 9.74 -19.31 20.59
N ALA G 337 10.62 -18.37 20.89
CA ALA G 337 10.30 -16.94 20.88
C ALA G 337 11.59 -16.10 20.93
N ALA G 338 11.49 -14.81 20.58
CA ALA G 338 12.66 -13.94 20.38
C ALA G 338 12.39 -12.46 20.65
N GLY G 339 13.44 -11.65 20.52
CA GLY G 339 13.36 -10.18 20.64
C GLY G 339 14.11 -9.47 19.51
N GLU G 340 14.62 -8.28 19.83
CA GLU G 340 15.38 -7.45 18.87
C GLU G 340 16.75 -8.05 18.52
N HIS G 341 17.50 -8.49 19.54
CA HIS G 341 18.79 -9.14 19.35
C HIS G 341 18.97 -10.38 20.24
N HIS G 342 17.87 -11.12 20.45
CA HIS G 342 17.85 -12.25 21.37
C HIS G 342 16.80 -13.26 20.92
N SER G 343 17.25 -14.38 20.36
CA SER G 343 16.35 -15.42 19.81
C SER G 343 16.54 -16.79 20.48
N LEU G 344 15.44 -17.56 20.58
CA LEU G 344 15.44 -18.84 21.31
C LEU G 344 14.34 -19.82 20.87
N ILE G 345 14.73 -21.07 20.62
CA ILE G 345 13.81 -22.19 20.41
C ILE G 345 14.21 -23.38 21.27
N LEU G 346 13.23 -24.03 21.91
CA LEU G 346 13.46 -25.13 22.85
C LEU G 346 12.98 -26.48 22.31
N SER G 347 13.66 -27.56 22.70
CA SER G 347 13.38 -28.90 22.20
C SER G 347 12.28 -29.61 23.00
N GLN G 348 11.83 -30.74 22.47
CA GLN G 348 10.81 -31.58 23.12
C GLN G 348 11.40 -32.39 24.27
N ASP G 349 12.70 -32.71 24.18
CA ASP G 349 13.41 -33.40 25.26
C ASP G 349 13.60 -32.51 26.48
N GLY G 350 14.05 -31.28 26.26
CA GLY G 350 14.35 -30.33 27.33
C GLY G 350 15.44 -29.32 27.01
N ASP G 351 16.46 -29.75 26.27
CA ASP G 351 17.60 -28.91 25.92
C ASP G 351 17.23 -27.77 24.96
N LEU G 352 17.68 -26.57 25.28
CA LEU G 352 17.32 -25.35 24.53
C LEU G 352 18.14 -25.17 23.24
N TYR G 353 17.85 -24.10 22.50
CA TYR G 353 18.58 -23.78 21.27
C TYR G 353 18.37 -22.31 20.85
N SER G 354 19.18 -21.42 21.42
CA SER G 354 19.05 -19.98 21.24
C SER G 354 20.27 -19.35 20.57
N CYS G 355 20.01 -18.24 19.87
CA CYS G 355 21.07 -17.43 19.24
C CYS G 355 20.72 -15.94 19.33
N GLY G 356 21.75 -15.11 19.50
CA GLY G 356 21.56 -13.67 19.61
C GLY G 356 22.87 -12.94 19.82
N ARG G 357 22.78 -11.67 20.17
CA ARG G 357 23.96 -10.84 20.43
C ARG G 357 24.58 -11.16 21.81
N LEU G 358 25.81 -10.69 22.00
CA LEU G 358 26.57 -10.87 23.25
C LEU G 358 27.21 -9.55 23.68
N ASP G 359 26.47 -8.45 23.48
CA ASP G 359 26.89 -7.10 23.90
C ASP G 359 26.05 -6.62 25.07
N MET G 360 24.72 -6.76 24.96
CA MET G 360 23.78 -6.43 26.05
C MET G 360 23.54 -7.59 27.04
N PHE G 361 24.29 -8.68 26.90
CA PHE G 361 24.10 -9.91 27.69
C PHE G 361 22.73 -10.55 27.42
N GLU G 362 22.27 -10.48 26.17
CA GLU G 362 21.00 -11.08 25.76
C GLU G 362 21.06 -12.60 25.84
N VAL G 363 22.19 -13.17 25.43
CA VAL G 363 22.48 -14.60 25.59
C VAL G 363 23.07 -14.86 26.97
N GLY G 364 22.58 -15.91 27.64
CA GLY G 364 23.02 -16.29 28.99
C GLY G 364 24.14 -17.31 28.95
N ILE G 365 25.36 -16.83 28.68
CA ILE G 365 26.54 -17.67 28.60
C ILE G 365 27.78 -16.88 29.06
N PRO G 366 27.91 -16.68 30.40
CA PRO G 366 28.79 -15.67 30.98
C PRO G 366 30.29 -15.93 30.79
N LYS G 367 30.84 -15.38 29.71
CA LYS G 367 32.29 -15.36 29.44
C LYS G 367 32.92 -16.75 29.26
N ASP G 368 33.05 -17.49 30.35
CA ASP G 368 33.63 -18.84 30.35
C ASP G 368 32.92 -19.78 29.37
N ASN G 369 31.59 -19.81 29.45
CA ASN G 369 30.76 -20.59 28.54
C ASN G 369 30.49 -19.85 27.23
N LEU G 370 31.53 -19.64 26.43
CA LEU G 370 31.46 -18.94 25.16
C LEU G 370 31.70 -19.93 24.01
N PRO G 371 30.80 -19.97 23.01
CA PRO G 371 30.96 -20.95 21.92
C PRO G 371 32.10 -20.62 20.94
N GLU G 372 32.51 -21.63 20.16
CA GLU G 372 33.59 -21.49 19.18
C GLU G 372 33.14 -20.69 17.96
N TYR G 373 31.96 -21.04 17.44
CA TYR G 373 31.30 -20.28 16.39
C TYR G 373 30.53 -19.12 17.01
N THR G 374 31.26 -18.06 17.35
CA THR G 374 30.70 -16.86 17.95
C THR G 374 31.41 -15.62 17.41
N TYR G 375 30.63 -14.56 17.20
CA TYR G 375 31.15 -13.31 16.65
C TYR G 375 32.03 -12.59 17.66
N LYS G 376 32.97 -11.80 17.13
CA LYS G 376 33.85 -10.96 17.93
C LYS G 376 33.89 -9.56 17.32
N ASP G 377 34.63 -8.66 17.98
CA ASP G 377 34.98 -7.36 17.40
C ASP G 377 36.27 -7.51 16.59
N VAL G 378 36.77 -6.41 16.04
CA VAL G 378 38.04 -6.39 15.30
C VAL G 378 39.20 -6.80 16.21
N HIS G 379 39.29 -6.11 17.36
CA HIS G 379 40.24 -6.45 18.42
C HIS G 379 39.62 -6.09 19.77
N GLY G 380 38.43 -6.63 20.03
CA GLY G 380 37.66 -6.32 21.23
C GLY G 380 36.93 -7.52 21.80
N LYS G 381 35.86 -7.24 22.55
CA LYS G 381 35.09 -8.26 23.26
C LYS G 381 34.19 -9.09 22.34
N ALA G 382 33.51 -10.07 22.93
CA ALA G 382 32.56 -10.91 22.19
C ALA G 382 31.37 -10.09 21.70
N ARG G 383 31.03 -10.28 20.43
CA ARG G 383 30.01 -9.49 19.75
C ARG G 383 28.67 -10.20 19.77
N ALA G 384 28.64 -11.45 19.28
CA ALA G 384 27.39 -12.18 19.11
C ALA G 384 27.55 -13.71 19.12
N VAL G 385 26.42 -14.39 19.18
CA VAL G 385 26.35 -15.85 19.15
C VAL G 385 25.26 -16.28 18.15
N PRO G 386 25.65 -16.50 16.87
CA PRO G 386 24.70 -16.93 15.84
C PRO G 386 24.51 -18.46 15.75
N LEU G 387 25.22 -19.23 16.57
CA LEU G 387 25.07 -20.69 16.64
C LEU G 387 24.12 -21.07 17.78
N PRO G 388 23.26 -22.08 17.56
CA PRO G 388 22.36 -22.53 18.60
C PRO G 388 23.08 -23.31 19.70
N THR G 389 22.42 -23.48 20.83
CA THR G 389 22.92 -24.29 21.93
C THR G 389 22.13 -24.06 23.21
N LYS G 390 21.81 -25.13 23.93
CA LYS G 390 21.10 -25.06 25.19
C LYS G 390 21.97 -25.17 26.44
N LEU G 391 23.29 -25.27 26.25
CA LEU G 391 24.26 -25.46 27.34
C LEU G 391 24.08 -26.77 28.11
N ASN G 392 24.94 -26.98 29.11
CA ASN G 392 24.89 -28.16 29.98
C ASN G 392 24.33 -27.83 31.37
N ASN G 393 24.85 -26.75 31.96
CA ASN G 393 24.35 -26.24 33.23
C ASN G 393 23.06 -25.43 32.99
N VAL G 394 21.97 -26.21 32.77
CA VAL G 394 20.65 -25.62 32.51
C VAL G 394 19.53 -26.60 32.85
N PRO G 395 18.47 -26.10 33.51
CA PRO G 395 17.33 -26.83 34.05
C PRO G 395 16.31 -27.27 33.00
N LYS G 396 15.33 -28.05 33.44
CA LYS G 396 14.28 -28.60 32.58
C LYS G 396 13.26 -27.54 32.18
N PHE G 397 13.61 -26.72 31.19
CA PHE G 397 12.75 -25.64 30.72
C PHE G 397 11.52 -26.18 29.99
N LYS G 398 10.32 -25.76 30.43
CA LYS G 398 9.05 -26.25 29.90
C LYS G 398 8.55 -25.45 28.69
N SER G 399 8.55 -24.12 28.83
CA SER G 399 8.17 -23.18 27.75
C SER G 399 9.11 -21.96 27.79
N VAL G 400 8.71 -20.85 27.14
CA VAL G 400 9.56 -19.64 27.14
C VAL G 400 8.82 -18.35 26.81
N ALA G 401 9.51 -17.24 27.09
CA ALA G 401 9.02 -15.88 26.82
C ALA G 401 10.21 -14.92 26.74
N ALA G 402 10.12 -13.93 25.86
CA ALA G 402 11.26 -13.06 25.53
C ALA G 402 10.90 -11.59 25.32
N GLY G 403 11.92 -10.74 25.40
CA GLY G 403 11.81 -9.29 25.16
C GLY G 403 13.06 -8.73 24.49
N SER G 404 13.24 -7.41 24.59
CA SER G 404 14.38 -6.70 23.96
C SER G 404 15.71 -7.42 24.19
N HIS G 405 16.03 -7.61 25.46
CA HIS G 405 17.12 -8.49 25.86
C HIS G 405 16.99 -9.02 27.30
N HIS G 406 15.75 -9.38 27.70
CA HIS G 406 15.39 -9.78 29.07
C HIS G 406 14.62 -11.10 29.06
N SER G 407 15.38 -12.21 28.94
CA SER G 407 14.82 -13.54 28.68
C SER G 407 14.20 -14.21 29.91
N VAL G 408 12.88 -14.07 30.05
CA VAL G 408 12.12 -14.70 31.13
C VAL G 408 11.75 -16.15 30.79
N ALA G 409 12.58 -17.09 31.24
CA ALA G 409 12.37 -18.53 30.99
C ALA G 409 11.34 -19.13 31.97
N VAL G 410 11.14 -20.45 31.89
CA VAL G 410 10.23 -21.17 32.80
C VAL G 410 10.60 -22.64 32.95
N ALA G 411 11.03 -23.05 34.15
CA ALA G 411 11.47 -24.43 34.40
C ALA G 411 10.29 -25.40 34.61
N GLN G 412 10.60 -26.70 34.67
CA GLN G 412 9.61 -27.77 34.84
C GLN G 412 8.94 -27.75 36.22
N ASN G 413 9.68 -27.29 37.23
CA ASN G 413 9.13 -27.05 38.57
C ASN G 413 8.55 -25.64 38.76
N GLY G 414 8.25 -24.95 37.66
CA GLY G 414 7.79 -23.55 37.71
C GLY G 414 8.84 -22.53 38.11
N ILE G 415 10.12 -22.94 38.12
CA ILE G 415 11.21 -22.11 38.62
C ILE G 415 11.65 -21.05 37.61
N ALA G 416 11.61 -19.78 38.03
CA ALA G 416 12.02 -18.66 37.18
C ALA G 416 13.55 -18.56 37.07
N TYR G 417 14.02 -18.13 35.90
CA TYR G 417 15.46 -17.99 35.63
C TYR G 417 15.72 -16.92 34.56
N SER G 418 15.87 -15.68 35.00
CA SER G 418 15.95 -14.50 34.12
C SER G 418 17.36 -14.23 33.60
N TRP G 419 17.64 -14.72 32.39
CA TRP G 419 18.95 -14.56 31.75
C TRP G 419 18.93 -13.41 30.74
N GLY G 420 19.12 -12.19 31.23
CA GLY G 420 19.17 -10.99 30.39
C GLY G 420 19.51 -9.69 31.09
N PHE G 421 19.29 -8.58 30.40
CA PHE G 421 19.59 -7.24 30.93
C PHE G 421 18.59 -6.82 32.00
N GLY G 422 19.01 -7.00 33.26
CA GLY G 422 18.18 -6.67 34.44
C GLY G 422 18.48 -5.35 35.11
N GLU G 423 18.97 -4.37 34.34
CA GLU G 423 19.25 -3.03 34.86
C GLU G 423 17.98 -2.24 35.17
N THR G 424 16.90 -2.53 34.43
CA THR G 424 15.56 -2.01 34.75
C THR G 424 14.71 -3.08 35.44
N TYR G 425 15.36 -3.96 36.20
CA TYR G 425 14.71 -5.01 37.02
C TYR G 425 13.65 -5.86 36.29
N ALA G 426 13.86 -6.10 35.00
CA ALA G 426 13.01 -7.02 34.24
C ALA G 426 13.27 -8.45 34.68
N VAL G 427 14.54 -8.74 35.01
CA VAL G 427 14.94 -10.06 35.53
C VAL G 427 14.31 -10.38 36.89
N GLY G 428 14.24 -9.38 37.77
CA GLY G 428 13.51 -9.49 39.03
C GLY G 428 14.26 -10.21 40.15
N LEU G 429 15.48 -9.76 40.41
CA LEU G 429 16.33 -10.31 41.46
C LEU G 429 16.85 -9.21 42.39
N GLY G 430 15.94 -8.32 42.82
CA GLY G 430 16.28 -7.26 43.77
C GLY G 430 17.06 -6.09 43.18
N PRO G 431 17.65 -5.25 44.04
CA PRO G 431 18.41 -4.07 43.58
C PRO G 431 19.81 -4.43 43.07
N PHE G 432 19.99 -4.34 41.75
CA PHE G 432 21.29 -4.59 41.12
C PHE G 432 21.28 -4.06 39.68
N GLU G 433 22.14 -3.08 39.41
CA GLU G 433 22.18 -2.40 38.10
C GLU G 433 22.83 -3.23 36.98
N ASP G 434 23.62 -4.24 37.33
CA ASP G 434 24.31 -5.08 36.35
C ASP G 434 23.34 -5.99 35.57
N ASP G 435 23.86 -6.60 34.50
CA ASP G 435 23.08 -7.52 33.66
C ASP G 435 23.28 -8.97 34.08
N THR G 436 22.22 -9.76 33.99
CA THR G 436 22.27 -11.19 34.34
C THR G 436 23.04 -11.96 33.26
N GLU G 437 24.29 -12.30 33.58
CA GLU G 437 25.20 -12.94 32.64
C GLU G 437 24.83 -14.39 32.29
N VAL G 438 24.06 -15.04 33.16
CA VAL G 438 23.48 -16.36 32.92
C VAL G 438 22.07 -16.36 33.53
N PRO G 439 21.39 -17.53 33.65
CA PRO G 439 20.06 -17.49 34.29
C PRO G 439 20.13 -17.28 35.81
N THR G 440 19.03 -16.83 36.39
CA THR G 440 18.97 -16.39 37.80
C THR G 440 17.79 -17.02 38.55
N ARG G 441 18.07 -18.14 39.24
CA ARG G 441 17.07 -18.87 40.01
C ARG G 441 16.32 -17.91 40.94
N ILE G 442 15.08 -17.60 40.58
CA ILE G 442 14.22 -16.71 41.38
C ILE G 442 13.31 -17.52 42.31
N LYS G 443 13.26 -17.12 43.58
CA LYS G 443 12.39 -17.76 44.57
C LYS G 443 12.21 -16.85 45.79
N ASN G 444 11.32 -15.87 45.64
CA ASN G 444 11.01 -14.88 46.68
C ASN G 444 9.74 -15.23 47.47
N THR G 445 9.37 -14.36 48.41
CA THR G 445 8.21 -14.57 49.29
C THR G 445 6.90 -14.95 48.57
N ALA G 446 6.60 -14.26 47.47
CA ALA G 446 5.35 -14.45 46.74
C ALA G 446 5.33 -15.73 45.89
N THR G 447 6.33 -15.86 45.00
CA THR G 447 6.38 -16.97 44.03
C THR G 447 7.67 -17.81 44.12
N GLN G 448 7.98 -18.28 45.33
CA GLN G 448 8.99 -19.32 45.54
C GLN G 448 8.30 -20.67 45.48
N ASP G 449 7.25 -20.82 46.30
CA ASP G 449 6.41 -22.01 46.32
C ASP G 449 5.45 -22.01 45.13
N HIS G 450 4.83 -20.86 44.87
CA HIS G 450 3.83 -20.71 43.80
C HIS G 450 4.32 -21.21 42.44
N ASN G 451 3.61 -22.21 41.88
CA ASN G 451 4.00 -22.86 40.62
C ASN G 451 3.66 -22.00 39.40
N ILE G 452 4.70 -21.58 38.66
CA ILE G 452 4.56 -20.66 37.52
C ILE G 452 3.93 -21.31 36.28
N ILE G 453 3.16 -20.51 35.54
CA ILE G 453 2.39 -20.98 34.38
C ILE G 453 2.81 -20.30 33.06
N LEU G 454 2.45 -19.03 32.88
CA LEU G 454 2.66 -18.29 31.62
C LEU G 454 3.71 -17.19 31.75
N VAL G 455 4.92 -17.46 31.24
CA VAL G 455 6.02 -16.47 31.25
C VAL G 455 5.76 -15.35 30.25
N GLY G 456 6.40 -14.21 30.49
CA GLY G 456 6.22 -13.02 29.63
C GLY G 456 7.40 -12.06 29.67
N CYS G 457 7.47 -11.21 28.66
CA CYS G 457 8.46 -10.13 28.59
C CYS G 457 8.10 -9.13 27.49
N GLY G 458 8.49 -7.87 27.70
CA GLY G 458 8.21 -6.78 26.76
C GLY G 458 9.45 -5.95 26.48
N GLY G 459 9.46 -4.71 26.96
CA GLY G 459 10.60 -3.80 26.79
C GLY G 459 11.39 -3.72 28.07
N GLN G 460 10.77 -3.15 29.10
CA GLN G 460 11.33 -3.08 30.45
C GLN G 460 10.34 -3.71 31.41
N PHE G 461 10.02 -4.99 31.15
CA PHE G 461 9.06 -5.74 31.98
C PHE G 461 9.22 -7.25 31.81
N SER G 462 8.49 -7.99 32.64
CA SER G 462 8.47 -9.45 32.60
C SER G 462 7.24 -10.00 33.33
N VAL G 463 6.16 -10.21 32.56
CA VAL G 463 4.85 -10.56 33.13
C VAL G 463 4.81 -11.95 33.75
N SER G 464 4.95 -11.99 35.08
CA SER G 464 4.86 -13.24 35.84
C SER G 464 3.40 -13.58 36.16
N GLY G 465 3.19 -14.72 36.82
CA GLY G 465 1.85 -15.17 37.17
C GLY G 465 1.79 -16.66 37.48
N GLY G 466 0.63 -17.11 37.94
CA GLY G 466 0.43 -18.51 38.35
C GLY G 466 -0.44 -18.60 39.59
N VAL G 467 -0.27 -19.68 40.36
CA VAL G 467 -1.02 -19.88 41.60
C VAL G 467 -0.11 -20.40 42.72
N LYS G 468 -0.58 -20.25 43.95
CA LYS G 468 0.14 -20.77 45.11
C LYS G 468 0.11 -22.29 45.11
N LEU G 469 1.26 -22.90 45.38
CA LEU G 469 1.41 -24.35 45.29
C LEU G 469 1.03 -25.01 46.61
N SER G 470 0.75 -26.31 46.54
CA SER G 470 0.35 -27.12 47.69
C SER G 470 1.50 -28.02 48.14
N ASP G 471 1.19 -29.04 48.96
CA ASP G 471 2.14 -30.11 49.29
C ASP G 471 2.76 -30.72 48.04
N GLU G 472 1.92 -30.99 47.04
CA GLU G 472 2.39 -31.44 45.71
C GLU G 472 3.57 -30.64 45.13
N ASP G 473 3.74 -29.39 45.55
CA ASP G 473 4.95 -28.61 45.26
C ASP G 473 6.06 -28.85 46.28
N ALA G 474 5.88 -28.40 47.51
CA ALA G 474 6.93 -28.50 48.53
C ALA G 474 7.16 -29.94 48.97
N GLU G 475 6.07 -30.62 49.33
CA GLU G 475 6.12 -32.04 49.72
C GLU G 475 6.58 -33.02 48.62
N LYS G 476 6.53 -32.61 47.35
CA LYS G 476 7.08 -33.40 46.24
C LYS G 476 8.45 -32.90 45.77
N ARG G 477 8.57 -31.58 45.58
CA ARG G 477 9.81 -30.94 45.16
C ARG G 477 10.64 -30.38 46.32
N ALA G 478 10.49 -30.94 47.52
CA ALA G 478 11.39 -30.66 48.64
C ALA G 478 12.86 -30.91 48.28
N ASP G 479 13.10 -31.88 47.39
CA ASP G 479 14.43 -32.18 46.85
C ASP G 479 15.32 -30.95 46.61
N GLU G 480 16.58 -31.05 47.05
CA GLU G 480 17.52 -29.93 46.96
C GLU G 480 18.96 -30.42 47.16
N LYS H 43 -7.69 15.73 15.87
CA LYS H 43 -7.71 15.53 14.39
C LYS H 43 -6.73 16.46 13.68
N SER H 44 -6.23 16.00 12.52
CA SER H 44 -5.29 16.78 11.71
C SER H 44 -6.01 17.89 10.92
N LYS H 45 -5.23 18.70 10.20
CA LYS H 45 -5.78 19.74 9.33
C LYS H 45 -6.52 19.18 8.12
N ALA H 46 -6.05 18.03 7.60
CA ALA H 46 -6.70 17.34 6.49
C ALA H 46 -8.02 16.66 6.88
N GLU H 47 -8.04 16.05 8.07
CA GLU H 47 -9.25 15.39 8.60
C GLU H 47 -10.39 16.36 8.91
N LEU H 48 -10.03 17.55 9.41
CA LEU H 48 -11.00 18.62 9.69
C LEU H 48 -11.54 19.26 8.40
N GLN H 49 -10.69 19.39 7.38
CA GLN H 49 -11.09 19.90 6.07
C GLN H 49 -12.01 18.94 5.32
N SER H 50 -11.74 17.64 5.45
CA SER H 50 -12.59 16.58 4.86
C SER H 50 -13.96 16.49 5.55
N GLU H 51 -13.98 16.65 6.87
CA GLU H 51 -15.22 16.69 7.64
C GLU H 51 -16.03 17.97 7.37
N GLU H 52 -15.32 19.08 7.17
CA GLU H 52 -15.95 20.35 6.79
C GLU H 52 -16.48 20.33 5.35
N ARG H 53 -15.80 19.61 4.47
CA ARG H 53 -16.23 19.43 3.07
C ARG H 53 -17.42 18.48 2.93
N LYS H 54 -17.44 17.42 3.74
CA LYS H 54 -18.56 16.45 3.75
C LYS H 54 -19.85 17.03 4.31
N ARG H 55 -19.73 17.95 5.27
CA ARG H 55 -20.88 18.70 5.81
C ARG H 55 -21.41 19.73 4.81
N ILE H 56 -20.50 20.39 4.08
CA ILE H 56 -20.85 21.36 3.04
C ILE H 56 -21.48 20.71 1.80
N ASP H 57 -20.99 19.51 1.45
CA ASP H 57 -21.53 18.74 0.32
C ASP H 57 -22.94 18.20 0.59
N GLU H 58 -23.19 17.78 1.83
CA GLU H 58 -24.52 17.33 2.27
C GLU H 58 -25.55 18.48 2.32
N LEU H 59 -25.09 19.67 2.72
CA LEU H 59 -25.94 20.86 2.77
C LEU H 59 -26.30 21.40 1.39
N ILE H 60 -25.35 21.34 0.46
CA ILE H 60 -25.58 21.72 -0.94
C ILE H 60 -26.50 20.73 -1.68
N GLU H 61 -26.41 19.45 -1.31
CA GLU H 61 -27.23 18.39 -1.91
C GLU H 61 -28.70 18.45 -1.45
N SER H 62 -28.89 18.55 -0.14
CA SER H 62 -30.23 18.64 0.46
C SER H 62 -30.93 19.97 0.15
N GLY H 63 -30.15 21.05 0.03
CA GLY H 63 -30.69 22.39 -0.20
C GLY H 63 -31.41 22.96 1.02
N LYS H 64 -30.99 22.54 2.20
CA LYS H 64 -31.62 22.96 3.46
C LYS H 64 -31.18 24.38 3.80
N GLU H 65 -32.16 25.24 4.10
CA GLU H 65 -31.92 26.63 4.48
C GLU H 65 -32.53 26.89 5.86
N GLU H 66 -32.13 26.07 6.84
CA GLU H 66 -32.65 26.15 8.21
C GLU H 66 -31.99 27.29 8.99
N GLY H 67 -32.71 27.79 9.99
CA GLY H 67 -32.26 28.92 10.79
C GLY H 67 -32.18 30.21 9.98
N MET H 68 -33.19 30.46 9.15
CA MET H 68 -33.23 31.64 8.29
C MET H 68 -34.65 31.91 7.79
N LYS H 69 -35.06 33.18 7.83
CA LYS H 69 -36.40 33.60 7.41
C LYS H 69 -36.36 34.98 6.76
N ILE H 70 -37.28 35.21 5.81
CA ILE H 70 -37.36 36.47 5.08
C ILE H 70 -38.04 37.55 5.93
N ASP H 71 -37.52 38.78 5.83
CA ASP H 71 -38.08 39.94 6.55
C ASP H 71 -37.84 41.23 5.75
N LEU H 72 -38.77 42.18 5.89
CA LEU H 72 -38.70 43.46 5.17
C LEU H 72 -37.77 44.45 5.89
N ILE H 73 -36.55 44.62 5.35
CA ILE H 73 -35.57 45.56 5.90
C ILE H 73 -35.90 46.99 5.46
N ASP H 74 -35.61 47.96 6.34
CA ASP H 74 -35.90 49.37 6.09
C ASP H 74 -34.94 49.96 5.04
N GLY H 75 -35.47 50.21 3.84
CA GLY H 75 -34.69 50.78 2.75
C GLY H 75 -33.79 49.80 2.02
N LYS H 76 -34.18 48.52 2.00
CA LYS H 76 -33.44 47.48 1.28
C LYS H 76 -34.31 46.42 0.59
N GLY H 77 -35.62 46.63 0.50
CA GLY H 77 -36.55 45.60 0.02
C GLY H 77 -36.58 44.39 0.95
N ARG H 78 -36.22 43.21 0.42
CA ARG H 78 -36.18 41.97 1.20
C ARG H 78 -34.79 41.74 1.81
N GLY H 79 -34.76 41.26 3.06
CA GLY H 79 -33.52 40.90 3.76
C GLY H 79 -33.64 39.55 4.44
N VAL H 80 -32.50 38.89 4.63
CA VAL H 80 -32.44 37.58 5.28
C VAL H 80 -32.01 37.77 6.72
N ILE H 81 -32.81 37.26 7.67
CA ILE H 81 -32.53 37.36 9.11
C ILE H 81 -32.42 35.97 9.75
N ALA H 82 -31.53 35.85 10.74
CA ALA H 82 -31.28 34.57 11.42
C ALA H 82 -32.36 34.28 12.46
N THR H 83 -32.87 33.05 12.46
CA THR H 83 -33.81 32.55 13.49
C THR H 83 -33.11 31.71 14.57
N LYS H 84 -31.82 31.40 14.35
CA LYS H 84 -31.01 30.67 15.34
C LYS H 84 -29.55 31.13 15.26
N GLN H 85 -28.81 30.91 16.35
CA GLN H 85 -27.42 31.37 16.46
C GLN H 85 -26.47 30.57 15.57
N PHE H 86 -25.78 31.27 14.65
CA PHE H 86 -24.83 30.67 13.73
C PHE H 86 -23.40 30.98 14.14
N SER H 87 -22.62 29.94 14.45
CA SER H 87 -21.23 30.09 14.89
C SER H 87 -20.29 30.49 13.74
N ARG H 88 -19.10 30.96 14.10
CA ARG H 88 -18.10 31.43 13.13
C ARG H 88 -17.50 30.26 12.34
N GLY H 89 -17.65 30.30 11.01
CA GLY H 89 -17.23 29.22 10.13
C GLY H 89 -18.33 28.26 9.71
N ASP H 90 -19.54 28.45 10.24
CA ASP H 90 -20.67 27.56 9.93
C ASP H 90 -21.28 27.91 8.57
N PHE H 91 -21.63 26.89 7.80
CA PHE H 91 -22.25 27.06 6.47
C PHE H 91 -23.68 27.59 6.61
N VAL H 92 -23.94 28.76 6.04
CA VAL H 92 -25.25 29.42 6.13
C VAL H 92 -26.18 28.95 5.02
N VAL H 93 -25.84 29.26 3.77
CA VAL H 93 -26.67 28.91 2.61
C VAL H 93 -25.96 29.15 1.28
N GLU H 94 -26.29 28.33 0.28
CA GLU H 94 -25.70 28.44 -1.06
C GLU H 94 -26.37 29.56 -1.85
N TYR H 95 -25.56 30.35 -2.57
CA TYR H 95 -26.08 31.37 -3.47
C TYR H 95 -26.64 30.69 -4.72
N HIS H 96 -27.85 30.17 -4.60
CA HIS H 96 -28.44 29.28 -5.60
C HIS H 96 -29.14 30.03 -6.73
N GLY H 97 -29.01 29.48 -7.94
CA GLY H 97 -29.64 30.04 -9.14
C GLY H 97 -29.37 29.20 -10.38
N ASP H 98 -29.27 29.87 -11.54
CA ASP H 98 -28.94 29.22 -12.81
C ASP H 98 -27.47 29.43 -13.15
N LEU H 99 -26.71 28.33 -13.24
CA LEU H 99 -25.27 28.37 -13.52
C LEU H 99 -24.98 28.52 -15.01
N ILE H 100 -23.91 29.25 -15.33
CA ILE H 100 -23.47 29.45 -16.72
C ILE H 100 -22.14 30.23 -16.83
N GLU H 101 -21.62 30.32 -18.05
CA GLU H 101 -20.38 31.05 -18.38
C GLU H 101 -20.41 32.59 -18.18
N ILE H 102 -19.33 33.27 -18.60
CA ILE H 102 -19.02 34.67 -18.24
C ILE H 102 -20.07 35.70 -18.65
N THR H 103 -20.26 35.89 -19.96
CA THR H 103 -21.43 36.60 -20.45
C THR H 103 -22.64 35.65 -20.32
N ASP H 104 -22.39 34.35 -20.18
CA ASP H 104 -23.46 33.38 -19.86
C ASP H 104 -24.23 33.64 -18.54
N ALA H 105 -23.80 34.65 -17.80
CA ALA H 105 -24.65 35.35 -16.82
C ALA H 105 -24.85 36.86 -17.12
N LYS H 106 -23.91 37.50 -17.81
CA LYS H 106 -23.96 38.95 -18.11
C LYS H 106 -24.73 39.27 -19.39
N LYS H 107 -25.83 38.57 -19.59
CA LYS H 107 -26.62 38.67 -20.81
C LYS H 107 -28.07 39.00 -20.57
N ARG H 108 -28.70 38.22 -19.71
CA ARG H 108 -29.92 38.62 -19.05
C ARG H 108 -29.69 39.97 -18.36
N GLU H 109 -28.43 40.32 -18.07
CA GLU H 109 -28.02 41.69 -17.74
C GLU H 109 -28.45 42.75 -18.77
N ALA H 110 -28.15 42.53 -20.05
CA ALA H 110 -28.51 43.48 -21.11
C ALA H 110 -30.01 43.49 -21.48
N LEU H 111 -30.76 42.49 -21.02
CA LEU H 111 -32.23 42.50 -21.08
C LEU H 111 -32.88 42.93 -19.76
N TYR H 112 -32.23 42.66 -18.63
CA TYR H 112 -32.70 43.11 -17.31
C TYR H 112 -32.41 44.60 -17.05
N ALA H 113 -31.54 45.19 -17.86
CA ALA H 113 -31.41 46.65 -17.93
C ALA H 113 -32.58 47.25 -18.73
N GLN H 114 -33.06 46.51 -19.74
CA GLN H 114 -34.28 46.87 -20.48
C GLN H 114 -35.57 46.85 -19.65
N ASP H 115 -35.55 46.19 -18.49
CA ASP H 115 -36.63 46.24 -17.50
C ASP H 115 -36.08 46.29 -16.07
N PRO H 116 -36.00 47.51 -15.50
CA PRO H 116 -35.46 47.92 -14.19
C PRO H 116 -36.10 47.27 -12.94
N SER H 117 -37.35 46.81 -13.05
CA SER H 117 -38.08 46.22 -11.92
C SER H 117 -37.41 44.98 -11.35
N THR H 118 -37.02 44.05 -12.23
CA THR H 118 -36.27 42.86 -11.84
C THR H 118 -34.93 43.29 -11.25
N GLY H 119 -34.72 42.99 -9.98
CA GLY H 119 -33.53 43.43 -9.25
C GLY H 119 -32.27 42.74 -9.73
N CYS H 120 -31.13 43.41 -9.51
CA CYS H 120 -29.84 42.86 -9.90
C CYS H 120 -29.49 41.69 -8.98
N TYR H 121 -29.55 40.47 -9.52
CA TYR H 121 -29.32 39.24 -8.76
C TYR H 121 -28.27 38.32 -9.40
N MET H 122 -27.39 38.87 -10.23
CA MET H 122 -26.33 38.11 -10.88
C MET H 122 -25.07 38.14 -10.02
N TYR H 123 -24.38 37.00 -9.94
CA TYR H 123 -23.16 36.86 -9.14
C TYR H 123 -22.04 36.19 -9.94
N TYR H 124 -21.13 37.00 -10.49
CA TYR H 124 -19.99 36.51 -11.28
C TYR H 124 -18.85 36.03 -10.40
N PHE H 125 -18.00 35.16 -10.94
CA PHE H 125 -16.87 34.58 -10.21
C PHE H 125 -15.91 33.86 -11.14
N GLN H 126 -14.63 33.79 -10.73
CA GLN H 126 -13.58 33.10 -11.49
C GLN H 126 -13.41 31.66 -11.02
N TYR H 127 -14.18 30.75 -11.62
CA TYR H 127 -14.14 29.32 -11.28
C TYR H 127 -13.12 28.57 -12.14
N LEU H 128 -11.87 28.61 -11.71
CA LEU H 128 -10.75 27.90 -12.35
C LEU H 128 -10.42 28.42 -13.76
N SER H 129 -10.17 29.72 -13.85
CA SER H 129 -9.81 30.39 -15.10
C SER H 129 -10.95 30.30 -16.13
N LYS H 130 -11.96 31.14 -15.92
CA LYS H 130 -13.21 31.17 -16.69
C LYS H 130 -14.28 31.75 -15.79
N THR H 131 -15.01 32.75 -16.27
CA THR H 131 -16.02 33.41 -15.45
C THR H 131 -17.26 32.52 -15.29
N TYR H 132 -17.38 31.87 -14.13
CA TYR H 132 -18.51 30.98 -13.81
C TYR H 132 -19.34 31.58 -12.67
N CYS H 133 -20.65 31.68 -12.89
CA CYS H 133 -21.54 32.47 -12.04
C CYS H 133 -22.76 31.68 -11.55
N VAL H 134 -23.74 32.40 -11.01
CA VAL H 134 -25.03 31.82 -10.62
C VAL H 134 -26.12 32.88 -10.63
N ASP H 135 -26.79 33.01 -11.78
CA ASP H 135 -27.84 34.02 -11.97
C ASP H 135 -29.13 33.64 -11.24
N ALA H 136 -29.43 34.36 -10.15
CA ALA H 136 -30.64 34.12 -9.34
C ALA H 136 -31.68 35.23 -9.54
N THR H 137 -31.91 35.61 -10.80
CA THR H 137 -32.87 36.65 -11.16
C THR H 137 -34.31 36.16 -11.05
N ARG H 138 -34.54 34.89 -11.40
CA ARG H 138 -35.86 34.27 -11.29
C ARG H 138 -36.27 34.09 -9.82
N GLU H 139 -37.54 34.33 -9.53
CA GLU H 139 -38.07 34.28 -8.17
C GLU H 139 -38.30 32.83 -7.71
N THR H 140 -37.51 32.39 -6.72
CA THR H 140 -37.60 31.03 -6.15
C THR H 140 -37.68 31.08 -4.62
N ASN H 141 -37.85 29.92 -4.01
CA ASN H 141 -37.90 29.80 -2.54
C ASN H 141 -36.51 29.78 -1.86
N ARG H 142 -35.44 29.72 -2.65
CA ARG H 142 -34.07 29.79 -2.13
C ARG H 142 -33.79 31.15 -1.49
N LEU H 143 -32.99 31.13 -0.42
CA LEU H 143 -32.76 32.31 0.42
C LEU H 143 -31.46 33.07 0.15
N GLY H 144 -30.48 32.43 -0.50
CA GLY H 144 -29.17 33.06 -0.79
C GLY H 144 -29.21 34.27 -1.70
N ARG H 145 -30.19 34.30 -2.61
CA ARG H 145 -30.39 35.43 -3.52
C ARG H 145 -30.99 36.68 -2.86
N LEU H 146 -31.63 36.50 -1.70
CA LEU H 146 -32.26 37.61 -0.96
C LEU H 146 -31.38 38.23 0.16
N ILE H 147 -30.12 37.78 0.27
CA ILE H 147 -29.20 38.29 1.29
C ILE H 147 -28.64 39.67 0.91
N ASN H 148 -28.74 40.63 1.82
CA ASN H 148 -28.36 42.04 1.56
C ASN H 148 -26.85 42.28 1.61
N HIS H 149 -26.46 43.51 1.24
CA HIS H 149 -25.05 43.91 1.12
C HIS H 149 -24.53 44.63 2.37
N SER H 150 -23.30 44.31 2.76
CA SER H 150 -22.58 45.04 3.81
C SER H 150 -21.09 44.69 3.77
N LYS H 151 -20.22 45.72 3.73
CA LYS H 151 -18.77 45.52 3.65
C LYS H 151 -18.18 44.91 4.93
N CYS H 152 -18.79 45.23 6.08
CA CYS H 152 -18.45 44.64 7.38
C CYS H 152 -19.65 43.88 7.95
N GLY H 153 -20.13 42.89 7.19
CA GLY H 153 -21.31 42.10 7.54
C GLY H 153 -21.00 40.93 8.45
N ASN H 154 -21.68 39.80 8.22
CA ASN H 154 -21.48 38.56 8.96
C ASN H 154 -21.58 37.30 8.09
N CYS H 155 -21.03 37.38 6.86
CA CYS H 155 -21.02 36.26 5.92
C CYS H 155 -20.07 36.53 4.73
N GLN H 156 -19.26 35.54 4.37
CA GLN H 156 -18.26 35.67 3.28
C GLN H 156 -18.55 34.68 2.15
N THR H 157 -18.42 35.15 0.90
CA THR H 157 -18.71 34.32 -0.29
C THR H 157 -17.47 33.58 -0.77
N LYS H 158 -17.58 32.25 -0.91
CA LYS H 158 -16.45 31.39 -1.30
C LYS H 158 -16.85 30.36 -2.34
N LEU H 159 -15.87 29.96 -3.15
CA LEU H 159 -16.05 28.94 -4.18
C LEU H 159 -15.89 27.55 -3.59
N HIS H 160 -16.91 26.70 -3.73
CA HIS H 160 -16.92 25.35 -3.20
C HIS H 160 -17.10 24.32 -4.32
N ASP H 161 -16.00 23.73 -4.77
CA ASP H 161 -16.01 22.77 -5.87
C ASP H 161 -16.46 21.38 -5.40
N ILE H 162 -17.31 20.74 -6.19
CA ILE H 162 -17.79 19.37 -5.93
C ILE H 162 -17.73 18.52 -7.20
N ASP H 163 -16.57 17.92 -7.44
CA ASP H 163 -16.31 17.07 -8.61
C ASP H 163 -16.43 17.82 -9.95
N GLY H 164 -15.89 19.04 -9.99
CA GLY H 164 -15.86 19.86 -11.22
C GLY H 164 -16.89 20.97 -11.31
N VAL H 165 -18.04 20.78 -10.66
CA VAL H 165 -19.14 21.76 -10.68
C VAL H 165 -18.98 22.77 -9.54
N PRO H 166 -18.81 24.06 -9.90
CA PRO H 166 -18.63 25.17 -8.97
C PRO H 166 -19.90 25.51 -8.18
N HIS H 167 -19.74 25.86 -6.90
CA HIS H 167 -20.87 26.16 -6.02
C HIS H 167 -20.54 27.31 -5.06
N LEU H 168 -21.19 28.46 -5.28
CA LEU H 168 -21.02 29.62 -4.41
C LEU H 168 -21.74 29.38 -3.09
N ILE H 169 -20.97 29.44 -1.99
CA ILE H 169 -21.50 29.20 -0.64
C ILE H 169 -21.22 30.39 0.25
N LEU H 170 -22.14 30.64 1.21
CA LEU H 170 -22.03 31.73 2.18
C LEU H 170 -21.72 31.19 3.58
N ILE H 171 -20.50 31.44 4.07
CA ILE H 171 -20.05 30.98 5.39
C ILE H 171 -19.99 32.14 6.37
N ALA H 172 -20.37 31.88 7.62
CA ALA H 172 -20.41 32.91 8.67
C ALA H 172 -19.00 33.40 9.01
N SER H 173 -18.74 34.69 8.78
CA SER H 173 -17.45 35.31 9.10
C SER H 173 -17.26 35.47 10.61
N ARG H 174 -18.37 35.70 11.32
CA ARG H 174 -18.37 35.78 12.79
C ARG H 174 -19.65 35.15 13.37
N ASP H 175 -19.75 35.16 14.70
CA ASP H 175 -20.92 34.62 15.40
C ASP H 175 -22.16 35.49 15.15
N ILE H 176 -23.08 34.97 14.34
CA ILE H 176 -24.30 35.70 13.97
C ILE H 176 -25.38 35.54 15.06
N ALA H 177 -25.86 36.67 15.58
CA ALA H 177 -26.88 36.67 16.63
C ALA H 177 -28.28 36.45 16.05
N ALA H 178 -29.16 35.83 16.85
CA ALA H 178 -30.54 35.55 16.44
C ALA H 178 -31.33 36.86 16.30
N GLY H 179 -32.03 37.00 15.18
CA GLY H 179 -32.77 38.23 14.85
C GLY H 179 -32.04 39.17 13.89
N GLU H 180 -30.71 39.16 13.94
CA GLU H 180 -29.88 40.06 13.13
C GLU H 180 -29.89 39.65 11.66
N GLU H 181 -29.71 40.64 10.78
CA GLU H 181 -29.77 40.44 9.34
C GLU H 181 -28.48 39.82 8.80
N LEU H 182 -28.62 38.77 8.00
CA LEU H 182 -27.49 38.15 7.30
C LEU H 182 -27.05 39.07 6.16
N LEU H 183 -25.76 39.41 6.14
CA LEU H 183 -25.18 40.31 5.15
C LEU H 183 -23.84 39.80 4.64
N TYR H 184 -23.46 40.23 3.43
CA TYR H 184 -22.20 39.83 2.82
C TYR H 184 -21.73 40.90 1.83
N ASP H 185 -20.42 40.99 1.63
CA ASP H 185 -19.83 41.96 0.71
C ASP H 185 -20.17 41.59 -0.75
N TYR H 186 -20.92 42.46 -1.42
CA TYR H 186 -21.34 42.22 -2.80
C TYR H 186 -20.19 42.26 -3.82
N GLY H 187 -19.16 43.06 -3.55
CA GLY H 187 -17.94 43.11 -4.35
C GLY H 187 -17.84 44.26 -5.35
N ASP H 188 -18.96 44.60 -5.98
CA ASP H 188 -19.01 45.67 -6.97
C ASP H 188 -18.82 47.04 -6.33
N ARG H 189 -17.55 47.44 -6.19
CA ARG H 189 -17.19 48.77 -5.68
C ARG H 189 -16.93 49.81 -6.80
N SER H 190 -17.32 49.50 -8.04
CA SER H 190 -17.07 50.37 -9.20
C SER H 190 -17.81 51.70 -9.14
N LYS H 191 -17.32 52.67 -9.92
CA LYS H 191 -17.84 54.05 -9.90
C LYS H 191 -19.23 54.21 -10.52
N ALA H 192 -19.53 53.39 -11.53
CA ALA H 192 -20.84 53.40 -12.18
C ALA H 192 -21.94 52.81 -11.29
N SER H 193 -21.63 51.70 -10.62
CA SER H 193 -22.58 51.01 -9.73
C SER H 193 -22.82 51.78 -8.43
N ILE H 194 -21.75 52.32 -7.84
CA ILE H 194 -21.85 53.13 -6.61
C ILE H 194 -22.58 54.46 -6.80
N GLU H 195 -22.57 54.99 -8.03
CA GLU H 195 -23.31 56.21 -8.38
C GLU H 195 -24.83 56.02 -8.43
N ALA H 196 -25.29 54.82 -8.80
CA ALA H 196 -26.72 54.52 -8.92
C ALA H 196 -27.38 54.05 -7.61
N PHE H 197 -26.65 53.27 -6.81
CA PHE H 197 -27.07 52.90 -5.44
C PHE H 197 -25.89 53.01 -4.47
N PRO H 198 -25.87 54.06 -3.65
CA PRO H 198 -24.83 54.48 -2.70
C PRO H 198 -24.63 53.58 -1.47
N TRP H 199 -25.54 52.64 -1.23
CA TRP H 199 -25.41 51.68 -0.11
C TRP H 199 -24.29 50.64 -0.30
N LEU H 200 -23.84 50.44 -1.55
CA LEU H 200 -22.72 49.53 -1.84
C LEU H 200 -21.40 49.94 -1.19
N LYS H 201 -21.20 51.25 -1.00
CA LYS H 201 -19.99 51.79 -0.38
C LYS H 201 -19.82 51.32 1.07
N HIS H 202 -20.88 51.52 1.87
CA HIS H 202 -20.85 51.15 3.29
C HIS H 202 -21.03 49.65 3.47
#